data_4FWE
#
_entry.id   4FWE
#
_cell.length_a   93.691
_cell.length_b   96.273
_cell.length_c   182.797
_cell.angle_alpha   90.00
_cell.angle_beta   90.00
_cell.angle_gamma   90.00
#
_symmetry.space_group_name_H-M   'C 2 2 21'
#
loop_
_entity.id
_entity.type
_entity.pdbx_description
1 polymer 'Lysine-specific histone demethylase 1B'
2 non-polymer 'ZINC ION'
3 non-polymer 'FLAVIN-ADENINE DINUCLEOTIDE'
4 non-polymer 'CITRATE ANION'
5 water water
#
_entity_poly.entity_id   1
_entity_poly.type   'polypeptide(L)'
_entity_poly.pdbx_seq_one_letter_code
;GHMAKKKATETTDEDEDGGSEKKYRKCEKAGCTATCPVCFASASERCAKNGYTSRWYHLSCGEHFCNECFDHYYRSHKDG
YDKYTTWKKIWTSNGKTEPSPKAFMADQQLPYWVQCTKPECRKWRQLTKEIQLTPQIAKTYRCGMKPNTAIKPETSDHCS
LPEDLRVLEVSNHWWYSMLILPPLLKDSVAAPLLSAYYPDCVGMSPSCTSTNRAAATGNASPGKLEHSKAALSVHVPGMN
RYFQPFYQPNECGKALCVRPDVMELDELYEFPEYSRDPTMYLALRNLILALWYTNCKEALTPQKCIPHIIVRGLVRIRCV
QEVERILYFMTRKGLINTGVLSVGADQYLLPKDYHNKSVIIIGAGPAGLAAARQLHNFGIKVTVLEAKDRIGGRVWDDKS
FKGVTVGRGAQIVNGCINNPVALMCEQLGISMHKFGERCDLIQEGGRITDPTIDKRMDFHFNALLDVVSEWRKDKTQLQD
VPLGEKIEEIYKAFIKESGIQFSELEGQVLQFHLSNLEYACGSNLHQVSARSWDHNEFFAQFAGDHTLLTPGYSVIIEKL
AEGLDIQLKSPVQCIDYSGDEVQVTTTDGTGYSAQKVLVTVPLALLQKGAIQFNPPLSEKKMKAINSLGAGIIEKIALQF
PYRFWDSKVQGADFFGHVPPSASKRGLFAVFYDMDPQKKHSVLMSVIAGEAVASVRTLDDKQVLQQCMATLRELFKEQEV
PDPTKYFVTRWSTDPWIQMAYSFVKTGGSGEAYDIIAEDIQGTVFFAGEATNRHFPQTVTGAYLSGVREASKIAAF
;
_entity_poly.pdbx_strand_id   A
#
loop_
_chem_comp.id
_chem_comp.type
_chem_comp.name
_chem_comp.formula
FAD non-polymer 'FLAVIN-ADENINE DINUCLEOTIDE' 'C27 H33 N9 O15 P2'
FLC non-polymer 'CITRATE ANION' 'C6 H5 O7 -3'
ZN non-polymer 'ZINC ION' 'Zn 2'
#
# COMPACT_ATOMS: atom_id res chain seq x y z
N LYS A 23 39.63 24.60 34.08
CA LYS A 23 40.49 25.51 33.25
C LYS A 23 39.98 25.76 31.82
N TYR A 24 38.70 25.54 31.59
CA TYR A 24 38.07 25.87 30.30
C TYR A 24 36.61 26.28 30.51
N ARG A 25 36.20 27.34 29.82
CA ARG A 25 34.80 27.77 29.86
C ARG A 25 34.17 27.77 28.47
N LYS A 26 34.91 27.25 27.49
CA LYS A 26 34.39 27.05 26.15
C LYS A 26 34.24 25.56 25.85
N CYS A 27 33.29 25.25 24.97
CA CYS A 27 32.96 23.87 24.63
C CYS A 27 34.17 23.12 24.06
N GLU A 28 34.19 21.79 24.27
CA GLU A 28 35.22 20.92 23.69
C GLU A 28 35.22 20.95 22.15
N LYS A 29 34.04 21.16 21.58
CA LYS A 29 33.81 20.93 20.15
C LYS A 29 34.06 22.16 19.30
N ALA A 30 34.59 21.93 18.11
CA ALA A 30 34.81 22.95 17.10
C ALA A 30 33.48 23.53 16.61
N GLY A 31 33.44 24.85 16.45
CA GLY A 31 32.26 25.53 15.92
C GLY A 31 31.01 25.45 16.77
N CYS A 32 31.19 25.12 18.07
CA CYS A 32 30.07 25.17 19.01
C CYS A 32 29.69 26.63 19.18
N THR A 33 28.39 26.91 19.15
CA THR A 33 27.90 28.28 19.23
C THR A 33 27.55 28.71 20.65
N ALA A 34 27.82 27.85 21.63
CA ALA A 34 27.49 28.14 23.01
C ALA A 34 28.48 29.15 23.60
N THR A 35 28.00 30.38 23.79
CA THR A 35 28.77 31.43 24.46
C THR A 35 29.24 30.90 25.81
N CYS A 36 28.28 30.43 26.59
CA CYS A 36 28.49 29.96 27.94
C CYS A 36 27.94 28.55 28.10
N PRO A 37 28.83 27.53 28.02
CA PRO A 37 28.48 26.16 28.38
C PRO A 37 28.05 26.07 29.84
N VAL A 38 26.95 25.36 30.08
CA VAL A 38 26.44 25.21 31.43
C VAL A 38 26.17 23.74 31.68
N CYS A 39 26.51 23.28 32.87
CA CYS A 39 26.31 21.90 33.19
C CYS A 39 24.87 21.66 33.55
N PHE A 40 24.17 20.86 32.73
CA PHE A 40 22.78 20.53 33.02
C PHE A 40 22.72 19.43 34.08
N ALA A 41 23.83 18.72 34.27
CA ALA A 41 23.83 17.54 35.13
C ALA A 41 23.76 17.88 36.61
N SER A 42 24.58 18.82 37.06
CA SER A 42 24.69 19.15 38.49
C SER A 42 24.63 17.91 39.39
N ALA A 43 25.39 16.89 39.01
CA ALA A 43 25.37 15.63 39.73
C ALA A 43 26.43 15.62 40.82
N SER A 44 27.59 16.20 40.53
CA SER A 44 28.67 16.33 41.52
C SER A 44 28.46 17.54 42.43
N GLU A 45 28.74 17.35 43.72
CA GLU A 45 28.92 18.47 44.64
C GLU A 45 29.88 19.46 43.98
N ARG A 46 30.97 18.94 43.42
CA ARG A 46 32.01 19.73 42.74
C ARG A 46 31.68 20.16 41.30
N CYS A 47 30.40 20.15 40.93
CA CYS A 47 29.98 20.53 39.57
C CYS A 47 30.46 21.92 39.17
N ALA A 48 30.98 22.04 37.95
CA ALA A 48 31.49 23.31 37.43
C ALA A 48 30.40 24.34 37.09
N LYS A 49 29.14 23.89 37.08
CA LYS A 49 27.98 24.76 36.86
C LYS A 49 28.08 25.61 35.59
N ASN A 50 28.20 26.93 35.75
CA ASN A 50 28.36 27.84 34.60
C ASN A 50 29.78 28.39 34.50
N GLY A 51 30.75 27.64 35.02
CA GLY A 51 32.15 28.09 35.14
C GLY A 51 33.16 27.31 34.32
N TYR A 52 34.31 27.01 34.93
CA TYR A 52 35.43 26.37 34.23
C TYR A 52 35.55 24.89 34.58
N THR A 53 35.94 24.08 33.60
CA THR A 53 36.29 22.67 33.80
C THR A 53 37.47 22.31 32.94
N SER A 54 38.11 21.21 33.28
CA SER A 54 39.12 20.59 32.42
C SER A 54 38.54 20.20 31.06
N ARG A 55 37.25 19.82 31.05
CA ARG A 55 36.53 19.59 29.79
C ARG A 55 35.02 19.80 29.88
N TRP A 56 34.53 20.60 28.93
CA TRP A 56 33.12 20.78 28.71
C TRP A 56 32.61 19.79 27.70
N TYR A 57 31.91 18.77 28.17
CA TYR A 57 31.37 17.74 27.30
C TYR A 57 30.10 18.18 26.55
N HIS A 58 30.14 18.03 25.23
CA HIS A 58 29.10 18.50 24.32
C HIS A 58 28.09 17.44 24.01
N LEU A 59 26.81 17.80 24.10
CA LEU A 59 25.74 16.97 23.59
C LEU A 59 25.08 17.68 22.41
N SER A 60 24.68 18.93 22.63
CA SER A 60 24.14 19.80 21.60
C SER A 60 24.71 21.19 21.80
N CYS A 61 24.36 22.13 20.95
CA CYS A 61 24.82 23.51 21.09
C CYS A 61 24.30 24.19 22.34
N GLY A 62 23.27 23.62 22.93
CA GLY A 62 22.66 24.20 24.10
C GLY A 62 22.76 23.34 25.34
N GLU A 63 23.53 22.26 25.25
CA GLU A 63 23.51 21.22 26.29
C GLU A 63 24.89 20.61 26.53
N HIS A 64 25.47 20.92 27.70
CA HIS A 64 26.81 20.44 28.08
C HIS A 64 26.85 19.95 29.47
N PHE A 65 27.85 19.14 29.79
CA PHE A 65 28.10 18.77 31.17
C PHE A 65 29.59 18.83 31.48
N CYS A 66 29.91 19.07 32.74
CA CYS A 66 31.28 19.32 33.16
C CYS A 66 32.00 18.00 33.40
N ASN A 67 33.33 18.06 33.44
CA ASN A 67 34.13 16.86 33.73
C ASN A 67 33.91 16.30 35.13
N GLU A 68 33.59 17.15 36.10
CA GLU A 68 33.32 16.65 37.46
C GLU A 68 32.07 15.78 37.46
N CYS A 69 31.02 16.22 36.77
CA CYS A 69 29.80 15.44 36.66
C CYS A 69 29.99 14.18 35.82
N PHE A 70 30.78 14.31 34.76
CA PHE A 70 31.22 13.18 33.95
C PHE A 70 31.84 12.14 34.88
N ASP A 71 32.88 12.55 35.60
CA ASP A 71 33.55 11.67 36.54
C ASP A 71 32.61 11.14 37.62
N HIS A 72 31.63 11.93 38.02
CA HIS A 72 30.66 11.50 39.03
C HIS A 72 30.05 10.17 38.66
N TYR A 73 29.79 9.96 37.37
CA TYR A 73 29.19 8.71 36.90
C TYR A 73 30.21 7.67 36.43
N TYR A 74 31.22 8.15 35.73
CA TYR A 74 32.19 7.32 35.02
C TYR A 74 33.27 6.64 35.87
N ARG A 75 33.69 7.28 36.98
CA ARG A 75 34.82 6.74 37.76
C ARG A 75 34.37 5.98 38.99
N SER A 76 34.87 4.74 39.12
CA SER A 76 34.44 3.79 40.14
C SER A 76 34.44 4.28 41.59
N HIS A 77 35.17 5.35 41.86
CA HIS A 77 35.26 5.88 43.23
C HIS A 77 34.21 6.92 43.52
N LYS A 78 33.62 7.47 42.47
CA LYS A 78 32.59 8.51 42.63
C LYS A 78 31.24 7.86 42.86
N ASP A 79 30.30 8.58 43.45
CA ASP A 79 29.06 7.98 43.91
C ASP A 79 27.99 7.75 42.83
N GLY A 80 28.19 8.32 41.65
CA GLY A 80 27.25 8.12 40.54
C GLY A 80 27.59 6.89 39.71
N TYR A 81 28.56 6.12 40.18
CA TYR A 81 29.06 4.97 39.46
C TYR A 81 28.08 3.79 39.40
N ASP A 82 27.39 3.53 40.51
CA ASP A 82 26.38 2.48 40.54
C ASP A 82 25.30 2.76 39.50
N LYS A 83 24.75 3.98 39.54
CA LYS A 83 23.69 4.41 38.61
C LYS A 83 24.09 4.20 37.15
N TYR A 84 25.29 4.65 36.81
CA TYR A 84 25.81 4.50 35.45
C TYR A 84 26.07 3.04 35.05
N THR A 85 26.64 2.27 35.97
CA THR A 85 27.01 0.89 35.69
C THR A 85 25.76 0.02 35.52
N THR A 86 24.77 0.26 36.37
CA THR A 86 23.47 -0.41 36.26
C THR A 86 22.88 -0.10 34.89
N TRP A 87 22.82 1.18 34.55
CA TRP A 87 22.26 1.61 33.27
C TRP A 87 23.00 0.96 32.12
N LYS A 88 24.32 1.01 32.18
CA LYS A 88 25.21 0.47 31.14
C LYS A 88 24.99 -1.03 30.89
N LYS A 89 24.68 -1.78 31.95
CA LYS A 89 24.33 -3.20 31.81
C LYS A 89 23.09 -3.36 30.92
N ILE A 90 21.97 -2.76 31.36
CA ILE A 90 20.70 -2.72 30.61
C ILE A 90 20.92 -2.31 29.15
N TRP A 91 21.68 -1.24 28.97
CA TRP A 91 21.98 -0.71 27.65
C TRP A 91 22.67 -1.71 26.77
N THR A 92 23.67 -2.38 27.34
CA THR A 92 24.52 -3.31 26.63
C THR A 92 23.78 -4.59 26.25
N SER A 93 22.94 -5.08 27.15
CA SER A 93 22.20 -6.31 26.92
C SER A 93 21.00 -6.10 25.98
N ASN A 94 20.58 -4.84 25.77
CA ASN A 94 19.43 -4.53 24.91
C ASN A 94 19.75 -3.85 23.59
N GLY A 95 20.90 -3.19 23.50
CA GLY A 95 21.21 -2.36 22.33
C GLY A 95 22.51 -2.73 21.68
N LYS A 96 22.83 -2.08 20.56
CA LYS A 96 24.15 -2.27 19.94
C LYS A 96 25.00 -0.99 19.93
N THR A 97 24.52 0.05 20.62
CA THR A 97 25.26 1.30 20.72
C THR A 97 26.20 1.27 21.92
N GLU A 98 27.37 1.91 21.76
CA GLU A 98 28.33 2.12 22.83
C GLU A 98 27.70 2.92 23.98
N PRO A 99 27.79 2.39 25.22
CA PRO A 99 27.18 2.99 26.41
C PRO A 99 28.09 4.00 27.13
N SER A 100 28.44 5.09 26.43
CA SER A 100 29.26 6.17 26.98
C SER A 100 28.52 6.99 28.05
N PRO A 101 29.26 7.82 28.82
CA PRO A 101 28.60 8.82 29.70
C PRO A 101 27.65 9.76 28.95
N LYS A 102 27.99 10.14 27.72
CA LYS A 102 27.13 10.99 26.91
C LYS A 102 25.78 10.32 26.58
N ALA A 103 25.86 9.08 26.10
CA ALA A 103 24.66 8.30 25.88
C ALA A 103 23.84 8.24 27.17
N PHE A 104 24.52 8.03 28.30
CA PHE A 104 23.85 7.98 29.59
C PHE A 104 23.17 9.31 29.93
N MET A 105 23.87 10.42 29.67
CA MET A 105 23.35 11.76 29.94
C MET A 105 22.11 12.05 29.11
N ALA A 106 22.20 11.77 27.80
CA ALA A 106 21.10 11.99 26.88
C ALA A 106 19.93 11.02 27.12
N ASP A 107 20.23 9.82 27.61
CA ASP A 107 19.18 8.83 27.82
C ASP A 107 18.48 9.00 29.15
N GLN A 108 19.20 9.47 30.15
CA GLN A 108 18.73 9.40 31.51
C GLN A 108 18.76 10.72 32.26
N GLN A 109 19.65 11.64 31.86
CA GLN A 109 19.91 12.87 32.63
C GLN A 109 19.36 14.18 32.08
N LEU A 110 19.43 14.39 30.76
CA LEU A 110 18.92 15.63 30.16
C LEU A 110 17.48 15.91 30.61
N PRO A 111 17.14 17.19 30.88
CA PRO A 111 15.74 17.49 31.20
C PRO A 111 14.84 17.34 29.97
N TYR A 112 13.55 17.14 30.23
CA TYR A 112 12.54 17.14 29.18
C TYR A 112 12.07 18.55 28.82
N TRP A 113 11.88 18.78 27.52
CA TRP A 113 11.31 20.02 27.01
C TRP A 113 9.91 19.77 26.51
N VAL A 114 8.99 20.68 26.84
CA VAL A 114 7.60 20.57 26.41
C VAL A 114 7.11 21.92 25.92
N GLN A 115 6.20 21.88 24.95
CA GLN A 115 5.68 23.09 24.33
C GLN A 115 4.32 23.49 24.90
N CYS A 116 4.17 24.78 25.22
CA CYS A 116 2.91 25.28 25.75
C CYS A 116 1.83 25.09 24.71
N THR A 117 0.70 24.53 25.13
CA THR A 117 -0.40 24.22 24.22
C THR A 117 -1.42 25.38 24.06
N LYS A 118 -1.20 26.48 24.77
CA LYS A 118 -1.97 27.70 24.52
C LYS A 118 -1.58 28.20 23.12
N PRO A 119 -2.60 28.37 22.23
CA PRO A 119 -2.34 28.70 20.82
C PRO A 119 -1.67 30.05 20.64
N GLU A 120 -1.88 30.96 21.59
CA GLU A 120 -1.33 32.30 21.50
C GLU A 120 0.11 32.30 22.04
N CYS A 121 0.52 31.19 22.64
CA CYS A 121 1.81 31.12 23.33
C CYS A 121 2.80 30.21 22.60
N ARG A 122 2.58 28.90 22.68
CA ARG A 122 3.40 27.89 21.99
C ARG A 122 4.88 27.94 22.39
N LYS A 123 5.17 28.49 23.57
CA LYS A 123 6.57 28.52 24.00
C LYS A 123 7.00 27.16 24.49
N TRP A 124 8.23 26.80 24.15
CA TRP A 124 8.88 25.62 24.67
C TRP A 124 9.47 25.88 26.02
N ARG A 125 9.19 25.00 26.98
CA ARG A 125 9.71 25.08 28.33
C ARG A 125 10.52 23.86 28.71
N GLN A 126 11.62 24.10 29.42
CA GLN A 126 12.40 23.08 30.04
C GLN A 126 11.69 22.69 31.32
N LEU A 127 11.56 21.40 31.56
CA LEU A 127 10.94 20.92 32.77
C LEU A 127 12.02 20.68 33.81
N THR A 128 11.68 20.91 35.07
CA THR A 128 12.61 20.66 36.17
C THR A 128 13.13 19.21 36.13
N LYS A 129 14.37 19.04 36.58
CA LYS A 129 15.10 17.77 36.51
C LYS A 129 14.31 16.50 36.86
N GLU A 130 13.42 16.59 37.86
CA GLU A 130 12.68 15.43 38.36
C GLU A 130 11.44 15.06 37.55
N ILE A 131 10.85 16.02 36.84
CA ILE A 131 9.60 15.76 36.10
C ILE A 131 9.80 14.78 34.92
N GLN A 132 9.03 13.70 34.94
CA GLN A 132 9.02 12.70 33.89
C GLN A 132 7.96 13.05 32.85
N LEU A 133 8.38 13.31 31.62
CA LEU A 133 7.44 13.65 30.56
C LEU A 133 6.57 12.43 30.26
N THR A 134 5.28 12.69 30.02
CA THR A 134 4.30 11.68 29.61
C THR A 134 3.49 12.25 28.47
N PRO A 135 2.71 11.40 27.76
CA PRO A 135 1.94 11.98 26.68
C PRO A 135 0.85 12.91 27.20
N GLN A 136 0.38 12.66 28.43
CA GLN A 136 -0.65 13.51 29.03
C GLN A 136 -0.13 14.93 29.31
N ILE A 137 1.10 15.03 29.79
CA ILE A 137 1.73 16.34 30.01
C ILE A 137 1.84 17.05 28.65
N ALA A 138 2.45 16.39 27.67
CA ALA A 138 2.54 16.91 26.32
C ALA A 138 1.20 17.44 25.75
N LYS A 139 0.09 16.76 26.02
CA LYS A 139 -1.22 17.19 25.52
C LYS A 139 -1.80 18.39 26.26
N THR A 140 -1.52 18.50 27.55
CA THR A 140 -2.17 19.52 28.35
C THR A 140 -1.26 20.66 28.82
N TYR A 141 0.02 20.61 28.45
CA TYR A 141 0.98 21.57 29.00
C TYR A 141 0.66 23.07 28.75
N ARG A 142 0.70 23.83 29.84
CA ARG A 142 0.64 25.29 29.75
C ARG A 142 1.75 25.86 30.63
N CYS A 143 2.39 26.94 30.19
CA CYS A 143 3.52 27.55 30.92
C CYS A 143 3.18 27.70 32.40
N GLY A 144 4.12 27.30 33.23
CA GLY A 144 3.96 27.41 34.68
C GLY A 144 3.25 26.24 35.35
N MET A 145 2.79 25.26 34.58
CA MET A 145 2.20 24.05 35.15
C MET A 145 3.17 23.38 36.11
N LYS A 146 2.82 23.42 37.40
CA LYS A 146 3.60 22.79 38.47
C LYS A 146 3.39 21.27 38.46
N PRO A 147 4.14 20.52 39.31
CA PRO A 147 4.16 19.04 39.36
C PRO A 147 2.87 18.31 38.94
N ASN A 148 1.72 18.81 39.39
CA ASN A 148 0.41 18.17 39.14
C ASN A 148 -0.48 19.00 38.22
N THR A 149 -0.77 18.47 37.04
CA THR A 149 -1.58 19.18 36.03
C THR A 149 -2.98 19.53 36.51
N LYS A 152 -3.07 23.49 35.68
CA LYS A 152 -3.42 24.69 34.93
C LYS A 152 -3.38 25.94 35.83
N PRO A 153 -2.50 26.91 35.50
CA PRO A 153 -2.29 28.13 36.29
C PRO A 153 -3.51 29.06 36.36
N GLU A 154 -3.49 29.99 37.33
CA GLU A 154 -4.60 30.93 37.57
C GLU A 154 -4.88 31.84 36.36
N THR A 155 -4.03 32.85 36.16
CA THR A 155 -4.00 33.61 34.92
C THR A 155 -2.99 32.92 33.99
N SER A 156 -2.93 33.34 32.74
CA SER A 156 -1.94 32.80 31.81
C SER A 156 -0.74 33.74 31.63
N ASP A 157 -0.26 34.29 32.75
CA ASP A 157 0.85 35.24 32.74
C ASP A 157 2.22 34.58 32.68
N HIS A 158 2.32 33.35 33.21
CA HIS A 158 3.51 32.51 33.04
C HIS A 158 3.92 32.36 31.60
N CYS A 159 2.94 32.47 30.69
CA CYS A 159 3.20 32.43 29.25
C CYS A 159 4.08 33.59 28.74
N SER A 160 4.04 34.72 29.46
CA SER A 160 4.72 35.92 29.01
C SER A 160 6.22 35.95 29.33
N LEU A 161 6.67 35.09 30.23
CA LEU A 161 8.10 34.92 30.49
C LEU A 161 8.80 34.53 29.18
N PRO A 162 9.94 35.17 28.86
CA PRO A 162 10.54 34.90 27.54
C PRO A 162 11.00 33.45 27.42
N GLU A 163 11.01 32.95 26.18
CA GLU A 163 11.44 31.58 25.88
C GLU A 163 12.94 31.47 25.97
N ASP A 164 13.45 30.39 26.56
CA ASP A 164 14.89 30.16 26.56
C ASP A 164 15.40 30.40 25.17
N LEU A 165 16.48 31.18 25.05
CA LEU A 165 17.04 31.51 23.74
C LEU A 165 17.58 30.28 22.99
N ARG A 166 17.83 29.20 23.72
CA ARG A 166 18.26 27.94 23.08
C ARG A 166 17.20 27.35 22.13
N VAL A 167 15.93 27.53 22.46
CA VAL A 167 14.86 26.98 21.65
C VAL A 167 14.99 27.45 20.20
N LEU A 168 15.04 28.77 19.98
CA LEU A 168 15.11 29.32 18.61
C LEU A 168 16.22 28.71 17.78
N GLU A 169 17.35 28.44 18.42
CA GLU A 169 18.53 27.82 17.81
C GLU A 169 18.31 26.39 17.28
N VAL A 170 17.44 25.63 17.93
CA VAL A 170 17.25 24.22 17.60
C VAL A 170 16.92 24.06 16.12
N SER A 171 16.09 24.97 15.61
CA SER A 171 15.65 24.92 14.23
C SER A 171 16.67 25.50 13.23
N ASN A 172 17.94 25.58 13.62
CA ASN A 172 18.99 25.96 12.67
C ASN A 172 19.50 24.77 11.90
N HIS A 173 20.08 25.04 10.73
CA HIS A 173 20.69 23.99 9.93
C HIS A 173 21.88 23.44 10.65
N TRP A 174 22.72 24.35 11.17
CA TRP A 174 23.93 23.95 11.87
C TRP A 174 23.71 23.39 13.26
N TRP A 175 22.53 23.57 13.83
CA TRP A 175 22.21 22.94 15.12
C TRP A 175 22.19 21.44 15.03
N TYR A 176 21.49 20.90 14.03
CA TYR A 176 21.43 19.45 13.87
C TYR A 176 22.81 18.86 13.58
N SER A 177 23.60 19.58 12.78
CA SER A 177 24.99 19.20 12.47
C SER A 177 25.82 18.98 13.72
N MET A 178 25.46 19.66 14.81
CA MET A 178 26.21 19.65 16.05
C MET A 178 25.61 18.74 17.13
N LEU A 179 24.58 17.98 16.78
CA LEU A 179 24.13 16.89 17.64
C LEU A 179 25.15 15.77 17.50
N ILE A 180 25.74 15.35 18.62
CA ILE A 180 26.75 14.29 18.59
C ILE A 180 26.07 12.90 18.59
N LEU A 181 24.89 12.82 19.20
CA LEU A 181 24.14 11.57 19.32
C LEU A 181 22.71 11.74 18.83
N PRO A 182 22.15 10.70 18.18
CA PRO A 182 20.76 10.75 17.72
C PRO A 182 19.73 10.59 18.84
N PRO A 183 18.55 11.21 18.68
CA PRO A 183 17.43 10.97 19.60
C PRO A 183 17.03 9.50 19.58
N LEU A 184 16.59 9.01 20.74
CA LEU A 184 16.08 7.65 20.84
C LEU A 184 14.79 7.70 21.63
N LEU A 185 13.68 7.30 21.00
CA LEU A 185 12.36 7.51 21.59
C LEU A 185 12.02 6.53 22.69
N LYS A 186 11.23 6.99 23.66
CA LYS A 186 10.82 6.14 24.75
C LYS A 186 9.37 5.70 24.57
N ASP A 187 9.12 4.41 24.72
CA ASP A 187 7.77 3.86 24.57
C ASP A 187 7.15 4.24 23.21
N SER A 188 7.92 4.09 22.13
CA SER A 188 7.39 4.29 20.78
C SER A 188 6.20 3.37 20.54
N VAL A 189 5.15 3.91 19.93
CA VAL A 189 4.00 3.13 19.45
C VAL A 189 4.52 2.01 18.51
N ALA A 190 5.63 2.25 17.83
CA ALA A 190 6.21 1.25 16.92
C ALA A 190 6.83 0.03 17.60
N ALA A 191 7.24 0.18 18.86
CA ALA A 191 8.01 -0.85 19.59
C ALA A 191 7.47 -2.26 19.42
N PRO A 192 6.18 -2.48 19.73
CA PRO A 192 5.68 -3.85 19.66
C PRO A 192 5.87 -4.54 18.30
N LEU A 193 6.08 -3.76 17.24
CA LEU A 193 6.27 -4.31 15.88
C LEU A 193 7.74 -4.46 15.51
N LEU A 194 8.61 -3.94 16.37
CA LEU A 194 10.05 -3.91 16.08
C LEU A 194 10.84 -4.74 17.09
N SER A 195 10.14 -5.64 17.79
CA SER A 195 10.74 -6.56 18.76
C SER A 195 11.93 -7.29 18.20
N ALA A 196 11.94 -7.53 16.89
CA ALA A 196 12.99 -8.33 16.28
C ALA A 196 14.25 -7.53 16.00
N TYR A 197 14.18 -6.21 16.13
CA TYR A 197 15.34 -5.33 15.89
C TYR A 197 15.94 -4.81 17.19
N TYR A 198 17.22 -4.45 17.14
CA TYR A 198 17.84 -3.67 18.19
C TYR A 198 17.16 -2.30 18.26
N PRO A 199 16.62 -1.93 19.45
CA PRO A 199 15.84 -0.68 19.56
C PRO A 199 16.58 0.52 18.96
N ASP A 200 17.88 0.61 19.23
CA ASP A 200 18.66 1.77 18.78
C ASP A 200 18.86 1.82 17.27
N CYS A 201 18.95 0.65 16.64
CA CYS A 201 19.07 0.55 15.18
C CYS A 201 17.84 1.09 14.48
N VAL A 202 16.80 1.29 15.29
CA VAL A 202 15.48 1.65 14.80
C VAL A 202 14.99 2.94 15.52
N GLY A 203 15.95 3.64 16.13
CA GLY A 203 15.72 4.95 16.75
C GLY A 203 14.93 4.94 18.03
N MET A 204 14.99 3.85 18.77
CA MET A 204 14.28 3.71 20.03
C MET A 204 15.29 3.48 21.15
N SER A 205 14.90 3.70 22.39
CA SER A 205 15.86 3.60 23.49
C SER A 205 15.99 2.19 24.07
N PRO A 206 17.22 1.66 24.10
CA PRO A 206 17.54 0.36 24.70
C PRO A 206 17.20 0.27 26.20
N SER A 207 16.93 1.39 26.86
CA SER A 207 16.64 1.35 28.30
C SER A 207 15.14 1.41 28.66
N CYS A 208 14.29 1.73 27.68
CA CYS A 208 12.86 1.76 27.94
C CYS A 208 12.34 0.35 28.17
N THR A 209 11.66 0.13 29.30
CA THR A 209 11.16 -1.21 29.65
C THR A 209 10.29 -1.87 28.55
N SER A 210 9.74 -1.06 27.65
CA SER A 210 9.06 -1.55 26.42
C SER A 210 9.74 -2.74 25.72
N THR A 211 11.06 -2.66 25.54
CA THR A 211 11.87 -3.72 24.91
C THR A 211 11.36 -5.15 25.15
N VAL A 234 5.55 -9.60 13.11
CA VAL A 234 4.24 -9.39 13.73
C VAL A 234 3.44 -8.38 12.89
N HIS A 235 2.30 -7.94 13.40
CA HIS A 235 1.42 -7.01 12.69
C HIS A 235 0.90 -5.98 13.67
N VAL A 236 0.27 -4.92 13.15
CA VAL A 236 -0.42 -3.94 13.98
C VAL A 236 -1.70 -4.57 14.57
N PRO A 237 -1.94 -4.39 15.89
CA PRO A 237 -3.15 -4.88 16.58
C PRO A 237 -4.44 -4.89 15.73
N GLY A 238 -5.07 -6.06 15.65
CA GLY A 238 -6.26 -6.29 14.81
C GLY A 238 -6.45 -7.78 14.56
N MET A 239 -7.70 -8.22 14.48
CA MET A 239 -7.99 -9.66 14.37
C MET A 239 -7.79 -10.22 12.96
N ASN A 240 -7.88 -9.33 11.96
CA ASN A 240 -7.61 -9.67 10.57
C ASN A 240 -6.13 -9.82 10.28
N ARG A 241 -5.29 -9.06 11.00
CA ARG A 241 -3.83 -9.14 10.92
C ARG A 241 -3.32 -8.59 9.59
N TYR A 242 -4.12 -7.75 8.96
CA TYR A 242 -3.79 -7.30 7.62
C TYR A 242 -2.72 -6.21 7.56
N PHE A 243 -2.46 -5.55 8.70
CA PHE A 243 -1.49 -4.46 8.74
C PHE A 243 -0.11 -4.96 9.18
N GLN A 244 0.78 -5.20 8.22
CA GLN A 244 2.12 -5.70 8.55
C GLN A 244 3.18 -4.81 7.93
N PRO A 245 3.28 -3.56 8.40
CA PRO A 245 3.99 -2.51 7.65
C PRO A 245 5.50 -2.67 7.61
N PHE A 246 6.06 -3.42 8.54
CA PHE A 246 7.51 -3.56 8.59
C PHE A 246 8.00 -4.93 8.17
N TYR A 247 9.09 -4.95 7.42
CA TYR A 247 9.81 -6.18 7.18
C TYR A 247 10.49 -6.62 8.46
N GLN A 248 10.54 -7.92 8.68
CA GLN A 248 11.35 -8.48 9.74
C GLN A 248 12.81 -8.49 9.30
N PRO A 249 13.76 -8.63 10.24
CA PRO A 249 15.16 -8.51 9.82
C PRO A 249 15.49 -9.41 8.64
N ASN A 250 16.07 -8.83 7.59
CA ASN A 250 16.42 -9.54 6.34
C ASN A 250 15.26 -10.19 5.58
N GLU A 251 14.02 -9.85 5.93
CA GLU A 251 12.85 -10.44 5.27
C GLU A 251 12.59 -9.70 3.97
N CYS A 252 12.25 -10.44 2.92
CA CYS A 252 11.83 -9.81 1.68
C CYS A 252 10.59 -10.50 1.11
N GLY A 253 10.17 -10.08 -0.07
CA GLY A 253 9.06 -10.73 -0.75
C GLY A 253 7.67 -10.52 -0.17
N LYS A 254 7.46 -9.39 0.51
CA LYS A 254 6.14 -9.05 1.04
C LYS A 254 5.75 -7.62 0.64
N ALA A 255 4.71 -7.51 -0.17
CA ALA A 255 4.33 -6.23 -0.75
C ALA A 255 4.11 -5.15 0.29
N LEU A 256 4.62 -3.96 -0.01
CA LEU A 256 4.39 -2.72 0.76
C LEU A 256 4.97 -2.67 2.19
N CYS A 257 5.70 -3.71 2.58
CA CYS A 257 6.54 -3.64 3.76
C CYS A 257 7.69 -2.67 3.56
N VAL A 258 8.08 -2.03 4.67
CA VAL A 258 9.17 -1.05 4.70
C VAL A 258 10.23 -1.58 5.66
N ARG A 259 11.50 -1.36 5.35
CA ARG A 259 12.59 -1.66 6.27
C ARG A 259 12.61 -0.59 7.38
N PRO A 260 12.41 -0.99 8.64
CA PRO A 260 12.33 -0.04 9.74
C PRO A 260 13.73 0.47 10.16
N ASP A 261 14.77 -0.23 9.70
CA ASP A 261 16.18 0.11 10.00
C ASP A 261 16.95 0.69 8.83
N VAL A 262 16.30 0.97 7.71
CA VAL A 262 16.99 1.50 6.54
C VAL A 262 16.16 2.59 5.91
N MET A 263 16.81 3.68 5.50
CA MET A 263 16.16 4.73 4.72
C MET A 263 16.23 4.40 3.24
N GLU A 264 15.08 4.27 2.59
CA GLU A 264 15.04 4.08 1.15
C GLU A 264 15.60 5.30 0.40
N LEU A 265 15.76 5.16 -0.90
CA LEU A 265 16.36 6.20 -1.73
C LEU A 265 15.46 7.43 -1.83
N ASP A 266 14.15 7.20 -2.01
CA ASP A 266 13.19 8.31 -2.08
C ASP A 266 13.18 9.11 -0.77
N GLU A 267 13.58 8.45 0.32
CA GLU A 267 13.64 9.09 1.62
C GLU A 267 14.92 9.92 1.78
N LEU A 268 16.06 9.38 1.36
CA LEU A 268 17.31 10.12 1.49
C LEU A 268 17.31 11.33 0.55
N TYR A 269 16.65 11.19 -0.60
CA TYR A 269 16.55 12.29 -1.56
C TYR A 269 15.72 13.45 -1.02
N GLU A 270 14.61 13.12 -0.36
CA GLU A 270 13.77 14.13 0.26
C GLU A 270 14.43 14.72 1.51
N PHE A 271 15.12 13.89 2.28
CA PHE A 271 15.76 14.31 3.53
C PHE A 271 17.24 13.92 3.57
N PRO A 272 18.09 14.59 2.74
CA PRO A 272 19.52 14.21 2.66
C PRO A 272 20.30 14.57 3.93
N GLU A 273 19.75 15.45 4.77
CA GLU A 273 20.40 15.84 6.02
C GLU A 273 20.62 14.63 6.94
N TYR A 274 19.90 13.55 6.68
CA TYR A 274 19.98 12.33 7.49
C TYR A 274 21.02 11.30 7.04
N SER A 275 21.70 11.57 5.92
CA SER A 275 22.65 10.60 5.33
C SER A 275 23.74 10.05 6.28
N ARG A 276 24.27 10.88 7.18
CA ARG A 276 25.28 10.43 8.14
C ARG A 276 24.68 9.51 9.19
N ASP A 277 23.43 9.76 9.58
CA ASP A 277 22.73 8.91 10.55
C ASP A 277 21.22 9.02 10.37
N PRO A 278 20.61 7.95 9.83
CA PRO A 278 19.18 7.88 9.61
C PRO A 278 18.34 7.73 10.89
N THR A 279 18.96 7.36 12.02
CA THR A 279 18.21 7.03 13.27
C THR A 279 16.97 7.92 13.51
N MET A 280 17.19 9.22 13.49
CA MET A 280 16.14 10.16 13.82
C MET A 280 14.98 10.07 12.84
N TYR A 281 15.29 10.02 11.54
CA TYR A 281 14.25 9.88 10.52
C TYR A 281 13.47 8.58 10.70
N LEU A 282 14.22 7.49 10.91
CA LEU A 282 13.63 6.17 11.09
C LEU A 282 12.71 6.13 12.28
N ALA A 283 13.16 6.70 13.41
CA ALA A 283 12.33 6.67 14.61
C ALA A 283 11.01 7.37 14.36
N LEU A 284 11.06 8.48 13.62
CA LEU A 284 9.86 9.28 13.40
C LEU A 284 8.96 8.71 12.29
N ARG A 285 9.57 8.18 11.23
CA ARG A 285 8.82 7.53 10.17
C ARG A 285 8.14 6.27 10.71
N ASN A 286 8.88 5.47 11.46
CA ASN A 286 8.31 4.27 12.09
C ASN A 286 7.17 4.57 13.06
N LEU A 287 7.37 5.57 13.92
CA LEU A 287 6.32 5.99 14.84
C LEU A 287 5.08 6.41 14.05
N ILE A 288 5.30 7.19 13.00
CA ILE A 288 4.22 7.66 12.15
C ILE A 288 3.43 6.52 11.50
N LEU A 289 4.13 5.51 10.98
CA LEU A 289 3.46 4.35 10.41
C LEU A 289 2.60 3.65 11.46
N ALA A 290 3.18 3.41 12.62
CA ALA A 290 2.48 2.73 13.71
C ALA A 290 1.24 3.49 14.18
N LEU A 291 1.34 4.83 14.27
CA LEU A 291 0.19 5.64 14.64
C LEU A 291 -0.89 5.60 13.57
N TRP A 292 -0.48 5.73 12.31
CA TRP A 292 -1.45 5.65 11.23
C TRP A 292 -2.24 4.35 11.25
N TYR A 293 -1.55 3.22 11.31
CA TYR A 293 -2.23 1.92 11.32
C TYR A 293 -3.03 1.59 12.57
N THR A 294 -2.68 2.19 13.71
CA THR A 294 -3.49 2.00 14.93
C THR A 294 -4.75 2.85 14.89
N ASN A 295 -4.76 3.89 14.07
CA ASN A 295 -6.00 4.64 13.87
C ASN A 295 -6.19 5.16 12.45
N CYS A 296 -6.53 4.25 11.54
CA CYS A 296 -6.57 4.58 10.12
C CYS A 296 -7.84 5.32 9.69
N LYS A 297 -8.73 5.63 10.63
CA LYS A 297 -10.01 6.27 10.28
C LYS A 297 -10.02 7.80 10.38
N GLU A 298 -8.96 8.37 10.93
CA GLU A 298 -8.85 9.83 11.06
C GLU A 298 -7.50 10.29 10.56
N ALA A 299 -7.40 11.56 10.17
CA ALA A 299 -6.15 12.14 9.68
C ALA A 299 -5.12 12.15 10.80
N LEU A 300 -3.91 11.70 10.49
CA LEU A 300 -2.80 11.76 11.43
C LEU A 300 -2.04 13.08 11.23
N THR A 301 -2.12 13.92 12.25
CA THR A 301 -1.55 15.27 12.26
C THR A 301 -0.35 15.35 13.23
N PRO A 302 0.51 16.38 13.05
CA PRO A 302 1.61 16.61 14.01
C PRO A 302 1.09 16.64 15.45
N GLN A 303 -0.06 17.30 15.64
CA GLN A 303 -0.71 17.40 16.94
C GLN A 303 -1.00 16.03 17.55
N LYS A 304 -1.33 15.04 16.72
CA LYS A 304 -1.54 13.68 17.22
C LYS A 304 -0.20 12.99 17.55
N CYS A 305 0.85 13.30 16.79
CA CYS A 305 2.15 12.66 17.02
C CYS A 305 2.94 13.22 18.22
N ILE A 306 3.02 14.54 18.32
CA ILE A 306 3.73 15.25 19.41
C ILE A 306 3.78 14.47 20.74
N PRO A 307 2.61 14.13 21.34
CA PRO A 307 2.62 13.47 22.66
C PRO A 307 3.24 12.07 22.69
N HIS A 308 3.49 11.49 21.51
CA HIS A 308 4.05 10.13 21.45
C HIS A 308 5.52 10.15 21.23
N ILE A 309 6.08 11.34 21.05
CA ILE A 309 7.52 11.53 20.90
C ILE A 309 8.08 11.92 22.26
N ILE A 310 8.50 10.91 23.02
CA ILE A 310 9.07 11.13 24.34
C ILE A 310 10.58 10.88 24.26
N VAL A 311 11.37 11.96 24.31
CA VAL A 311 12.83 11.89 24.38
C VAL A 311 13.37 13.09 25.20
N ARG A 312 14.43 12.87 25.98
CA ARG A 312 15.06 13.95 26.77
C ARG A 312 15.76 14.97 25.90
N GLY A 313 15.85 16.21 26.40
CA GLY A 313 16.69 17.23 25.81
C GLY A 313 16.02 18.09 24.76
N LEU A 314 16.80 19.08 24.31
CA LEU A 314 16.45 19.98 23.20
C LEU A 314 16.17 19.26 21.90
N VAL A 315 16.71 18.04 21.77
CA VAL A 315 16.49 17.27 20.58
C VAL A 315 14.99 16.95 20.39
N ARG A 316 14.23 16.80 21.48
CA ARG A 316 12.79 16.58 21.37
C ARG A 316 12.10 17.68 20.56
N ILE A 317 12.66 18.89 20.62
CA ILE A 317 12.15 20.01 19.88
C ILE A 317 12.42 19.80 18.39
N ARG A 318 13.64 19.39 18.06
CA ARG A 318 14.00 19.09 16.69
C ARG A 318 13.07 18.00 16.15
N CYS A 319 12.82 16.98 16.95
CA CYS A 319 11.94 15.88 16.58
C CYS A 319 10.51 16.34 16.34
N VAL A 320 10.04 17.24 17.20
CA VAL A 320 8.69 17.78 17.05
C VAL A 320 8.57 18.64 15.78
N GLN A 321 9.66 19.30 15.43
CA GLN A 321 9.73 20.20 14.28
C GLN A 321 9.97 19.46 12.97
N GLU A 322 10.40 18.21 13.07
CA GLU A 322 10.62 17.39 11.90
C GLU A 322 9.42 16.49 11.59
N VAL A 323 8.75 15.99 12.63
CA VAL A 323 7.61 15.08 12.49
C VAL A 323 6.56 15.65 11.56
N GLU A 324 6.51 16.97 11.47
CA GLU A 324 5.60 17.64 10.56
C GLU A 324 6.01 17.39 9.11
N ARG A 325 7.29 17.64 8.81
CA ARG A 325 7.82 17.51 7.45
C ARG A 325 7.74 16.06 6.96
N ILE A 326 7.98 15.11 7.86
CA ILE A 326 8.01 13.69 7.53
C ILE A 326 6.58 13.25 7.22
N LEU A 327 5.65 13.75 8.01
CA LEU A 327 4.23 13.50 7.85
C LEU A 327 3.75 13.93 6.47
N TYR A 328 4.18 15.11 6.05
CA TYR A 328 3.76 15.65 4.76
C TYR A 328 4.32 14.83 3.61
N PHE A 329 5.55 14.39 3.76
CA PHE A 329 6.16 13.51 2.78
C PHE A 329 5.34 12.22 2.64
N MET A 330 5.09 11.58 3.77
CA MET A 330 4.44 10.29 3.80
C MET A 330 2.99 10.35 3.34
N THR A 331 2.34 11.47 3.63
CA THR A 331 0.99 11.72 3.18
C THR A 331 1.00 11.85 1.67
N ARG A 332 1.90 12.68 1.16
CA ARG A 332 1.98 12.89 -0.27
C ARG A 332 2.18 11.56 -1.01
N LYS A 333 3.11 10.75 -0.51
CA LYS A 333 3.43 9.43 -1.05
C LYS A 333 2.28 8.40 -0.91
N GLY A 334 1.30 8.69 -0.06
CA GLY A 334 0.19 7.77 0.16
C GLY A 334 0.45 6.66 1.15
N LEU A 335 1.48 6.83 1.98
CA LEU A 335 1.81 5.84 3.01
C LEU A 335 0.88 5.94 4.21
N ILE A 336 0.30 7.13 4.41
CA ILE A 336 -0.60 7.35 5.53
C ILE A 336 -1.67 8.28 5.02
N ASN A 337 -2.72 8.47 5.81
CA ASN A 337 -3.68 9.53 5.54
C ASN A 337 -4.32 9.33 4.17
N THR A 338 -4.70 8.10 3.94
CA THR A 338 -5.04 7.65 2.61
C THR A 338 -6.22 6.69 2.69
N GLY A 339 -6.50 5.99 1.59
CA GLY A 339 -7.69 5.16 1.53
C GLY A 339 -8.92 6.02 1.40
N VAL A 340 -9.94 5.69 2.16
CA VAL A 340 -11.20 6.43 2.10
C VAL A 340 -11.31 7.41 3.27
N LEU A 341 -10.18 7.95 3.68
CA LEU A 341 -10.14 8.97 4.73
C LEU A 341 -11.10 10.12 4.44
N SER A 342 -12.03 10.32 5.37
CA SER A 342 -12.95 11.45 5.34
C SER A 342 -12.22 12.73 5.77
N VAL A 343 -12.05 13.66 4.83
CA VAL A 343 -11.43 14.95 5.13
C VAL A 343 -12.47 16.08 5.13
N GLY A 344 -12.38 16.97 6.12
CA GLY A 344 -13.27 18.14 6.19
C GLY A 344 -13.13 19.05 4.98
N ALA A 345 -14.17 19.83 4.68
CA ALA A 345 -14.13 20.77 3.56
C ALA A 345 -12.99 21.79 3.74
N ASP A 346 -12.85 22.31 4.95
CA ASP A 346 -11.77 23.25 5.26
C ASP A 346 -10.40 22.56 5.39
N GLN A 347 -10.42 21.33 5.91
CA GLN A 347 -9.20 20.57 6.20
C GLN A 347 -8.51 20.01 4.97
N TYR A 348 -7.20 20.20 4.90
CA TYR A 348 -6.39 19.66 3.82
C TYR A 348 -5.14 19.04 4.39
N LEU A 349 -4.70 17.96 3.77
CA LEU A 349 -3.64 17.11 4.31
C LEU A 349 -2.25 17.67 4.05
N LEU A 350 -2.14 18.58 3.10
CA LEU A 350 -0.87 19.14 2.73
C LEU A 350 -0.92 20.66 2.91
N PRO A 351 0.26 21.29 3.15
CA PRO A 351 0.30 22.75 3.32
C PRO A 351 -0.10 23.51 2.06
N LYS A 352 -0.56 24.75 2.24
CA LYS A 352 -1.05 25.60 1.16
C LYS A 352 -0.05 25.70 0.00
N ASP A 353 1.21 25.39 0.31
CA ASP A 353 2.30 25.31 -0.66
C ASP A 353 1.99 24.40 -1.85
N TYR A 354 1.24 23.33 -1.60
CA TYR A 354 0.95 22.33 -2.64
C TYR A 354 -0.35 22.64 -3.38
N HIS A 355 -1.08 23.64 -2.89
CA HIS A 355 -2.47 23.90 -3.30
C HIS A 355 -2.64 24.70 -4.57
N ASN A 356 -1.55 25.11 -5.20
CA ASN A 356 -1.68 25.88 -6.43
C ASN A 356 -1.50 25.04 -7.67
N LYS A 357 -2.33 24.00 -7.76
CA LYS A 357 -2.36 23.10 -8.91
C LYS A 357 -3.81 22.76 -9.22
N SER A 358 -4.10 22.60 -10.51
CA SER A 358 -5.39 22.05 -10.91
C SER A 358 -5.13 20.85 -11.82
N VAL A 359 -6.00 19.86 -11.72
CA VAL A 359 -5.83 18.58 -12.42
C VAL A 359 -7.16 18.05 -12.96
N ILE A 360 -7.14 17.65 -14.22
CA ILE A 360 -8.21 16.84 -14.77
C ILE A 360 -7.81 15.35 -14.72
N ILE A 361 -8.68 14.54 -14.14
CA ILE A 361 -8.46 13.10 -14.08
C ILE A 361 -9.46 12.44 -15.02
N ILE A 362 -8.93 11.59 -15.90
CA ILE A 362 -9.76 10.96 -16.89
C ILE A 362 -10.04 9.51 -16.51
N GLY A 363 -11.31 9.23 -16.23
CA GLY A 363 -11.76 7.92 -15.78
C GLY A 363 -12.02 7.88 -14.29
N ALA A 364 -13.19 7.38 -13.92
CA ALA A 364 -13.57 7.23 -12.52
C ALA A 364 -13.64 5.75 -12.14
N GLY A 365 -12.63 5.01 -12.58
CA GLY A 365 -12.39 3.68 -12.04
C GLY A 365 -11.54 3.82 -10.79
N PRO A 366 -11.11 2.70 -10.22
CA PRO A 366 -10.26 2.67 -9.03
C PRO A 366 -9.02 3.57 -9.10
N ALA A 367 -8.30 3.58 -10.23
CA ALA A 367 -7.11 4.44 -10.33
C ALA A 367 -7.48 5.92 -10.33
N GLY A 368 -8.49 6.26 -11.13
CA GLY A 368 -8.91 7.64 -11.34
C GLY A 368 -9.45 8.23 -10.05
N LEU A 369 -10.23 7.42 -9.35
CA LEU A 369 -10.78 7.81 -8.06
C LEU A 369 -9.74 7.82 -6.97
N ALA A 370 -8.75 6.95 -7.06
CA ALA A 370 -7.69 6.93 -6.05
C ALA A 370 -6.90 8.24 -6.14
N ALA A 371 -6.54 8.61 -7.36
CA ALA A 371 -5.82 9.85 -7.60
C ALA A 371 -6.66 11.06 -7.25
N ALA A 372 -7.95 11.05 -7.60
CA ALA A 372 -8.83 12.17 -7.31
C ALA A 372 -9.01 12.41 -5.80
N ARG A 373 -9.20 11.32 -5.05
CA ARG A 373 -9.35 11.38 -3.61
C ARG A 373 -8.09 11.93 -2.95
N GLN A 374 -6.94 11.47 -3.41
CA GLN A 374 -5.67 11.90 -2.87
C GLN A 374 -5.48 13.39 -3.12
N LEU A 375 -5.56 13.79 -4.39
CA LEU A 375 -5.36 15.18 -4.77
C LEU A 375 -6.34 16.11 -4.06
N HIS A 376 -7.62 15.72 -4.06
CA HIS A 376 -8.66 16.46 -3.34
C HIS A 376 -8.35 16.59 -1.88
N ASN A 377 -8.04 15.47 -1.21
CA ASN A 377 -7.58 15.51 0.19
C ASN A 377 -6.34 16.38 0.43
N PHE A 378 -5.48 16.48 -0.58
CA PHE A 378 -4.23 17.24 -0.41
C PHE A 378 -4.53 18.73 -0.36
N GLY A 379 -5.68 19.08 -0.92
CA GLY A 379 -6.10 20.46 -1.08
C GLY A 379 -5.93 20.93 -2.51
N ILE A 380 -5.75 20.00 -3.43
CA ILE A 380 -5.55 20.34 -4.84
C ILE A 380 -6.89 20.26 -5.59
N LYS A 381 -7.08 21.15 -6.55
CA LYS A 381 -8.34 21.22 -7.30
C LYS A 381 -8.36 20.17 -8.41
N VAL A 382 -9.33 19.27 -8.33
CA VAL A 382 -9.43 18.14 -9.25
C VAL A 382 -10.80 18.04 -9.88
N THR A 383 -10.82 17.76 -11.17
CA THR A 383 -12.05 17.37 -11.82
C THR A 383 -11.88 16.02 -12.53
N VAL A 384 -12.84 15.12 -12.30
CA VAL A 384 -12.85 13.80 -12.92
C VAL A 384 -13.84 13.76 -14.09
N LEU A 385 -13.35 13.40 -15.27
CA LEU A 385 -14.19 13.20 -16.44
C LEU A 385 -14.37 11.70 -16.71
N GLU A 386 -15.61 11.23 -16.68
CA GLU A 386 -15.92 9.79 -16.88
C GLU A 386 -16.87 9.59 -18.04
N ALA A 387 -16.51 8.66 -18.92
CA ALA A 387 -17.27 8.41 -20.15
C ALA A 387 -18.66 7.84 -19.87
N LYS A 388 -18.73 6.90 -18.93
CA LYS A 388 -19.95 6.13 -18.73
C LYS A 388 -20.94 6.89 -17.85
N ASP A 389 -22.15 6.34 -17.72
CA ASP A 389 -23.18 6.94 -16.87
C ASP A 389 -22.98 6.58 -15.41
N ARG A 390 -21.85 5.97 -15.07
CA ARG A 390 -21.60 5.60 -13.67
C ARG A 390 -20.11 5.68 -13.43
N ILE A 391 -19.72 5.63 -12.16
CA ILE A 391 -18.33 5.53 -11.78
C ILE A 391 -18.04 4.06 -11.57
N GLY A 392 -16.76 3.71 -11.43
CA GLY A 392 -16.41 2.36 -11.00
C GLY A 392 -15.58 1.62 -12.04
N GLY A 393 -15.84 1.88 -13.31
CA GLY A 393 -15.12 1.22 -14.38
C GLY A 393 -15.37 -0.26 -14.31
N ARG A 394 -14.29 -1.03 -14.18
CA ARG A 394 -14.38 -2.49 -14.11
C ARG A 394 -14.79 -3.00 -12.74
N VAL A 395 -15.05 -2.06 -11.84
CA VAL A 395 -15.84 -2.34 -10.64
C VAL A 395 -17.28 -1.91 -10.96
N TRP A 396 -18.20 -2.86 -10.85
CA TRP A 396 -19.62 -2.64 -11.18
C TRP A 396 -20.46 -3.68 -10.51
N ASP A 397 -21.09 -3.30 -9.40
CA ASP A 397 -21.79 -4.25 -8.56
C ASP A 397 -23.27 -4.30 -8.83
N ASP A 398 -23.81 -5.51 -8.90
CA ASP A 398 -25.25 -5.68 -8.97
C ASP A 398 -25.74 -5.83 -7.56
N LYS A 399 -26.74 -5.02 -7.21
CA LYS A 399 -27.26 -4.95 -5.86
C LYS A 399 -28.68 -5.54 -5.74
N SER A 400 -29.29 -5.84 -6.89
CA SER A 400 -30.67 -6.33 -6.98
C SER A 400 -30.93 -7.81 -6.63
N PHE A 401 -29.88 -8.59 -6.33
CA PHE A 401 -30.07 -9.99 -5.90
C PHE A 401 -30.26 -9.97 -4.40
N LYS A 402 -31.40 -10.49 -3.94
CA LYS A 402 -31.72 -10.49 -2.52
C LYS A 402 -30.57 -11.06 -1.69
N GLY A 403 -30.11 -10.27 -0.72
CA GLY A 403 -29.20 -10.74 0.32
C GLY A 403 -27.73 -10.85 -0.01
N VAL A 404 -27.36 -10.55 -1.25
CA VAL A 404 -25.94 -10.60 -1.64
C VAL A 404 -25.68 -9.44 -2.58
N THR A 405 -24.44 -9.01 -2.65
CA THR A 405 -24.10 -8.08 -3.71
C THR A 405 -23.15 -8.82 -4.62
N VAL A 406 -23.38 -8.73 -5.92
CA VAL A 406 -22.64 -9.56 -6.84
C VAL A 406 -21.97 -8.70 -7.92
N GLY A 407 -20.66 -8.83 -8.04
CA GLY A 407 -19.88 -7.97 -8.94
C GLY A 407 -19.95 -8.44 -10.37
N ARG A 408 -20.29 -7.52 -11.27
CA ARG A 408 -20.17 -7.75 -12.71
C ARG A 408 -18.70 -7.75 -13.12
N GLY A 409 -17.88 -7.08 -12.32
CA GLY A 409 -16.45 -7.02 -12.57
C GLY A 409 -15.75 -7.54 -11.36
N ALA A 410 -14.78 -6.81 -10.87
CA ALA A 410 -13.92 -7.26 -9.78
C ALA A 410 -14.72 -7.56 -8.52
N GLN A 411 -14.34 -8.62 -7.81
CA GLN A 411 -14.88 -8.86 -6.48
C GLN A 411 -13.91 -9.63 -5.58
N ILE A 412 -12.78 -10.02 -6.12
CA ILE A 412 -11.80 -10.74 -5.32
C ILE A 412 -10.64 -9.84 -4.91
N VAL A 413 -10.11 -10.08 -3.71
CA VAL A 413 -8.86 -9.48 -3.24
C VAL A 413 -7.82 -10.59 -3.11
N ASN A 414 -6.72 -10.48 -3.84
CA ASN A 414 -5.67 -11.51 -3.77
C ASN A 414 -4.49 -11.10 -2.92
N GLY A 415 -4.44 -11.54 -1.68
CA GLY A 415 -3.35 -11.17 -0.78
C GLY A 415 -3.69 -9.89 -0.04
N CYS A 416 -4.27 -10.05 1.15
CA CYS A 416 -4.82 -8.94 1.91
C CYS A 416 -3.83 -8.18 2.77
N ILE A 417 -2.67 -8.78 3.03
CA ILE A 417 -1.68 -8.18 3.92
C ILE A 417 -1.05 -6.94 3.28
N ASN A 418 -1.18 -5.80 3.97
CA ASN A 418 -0.73 -4.49 3.49
C ASN A 418 -1.52 -4.05 2.26
N ASN A 419 -2.61 -4.75 1.95
CA ASN A 419 -3.38 -4.41 0.76
C ASN A 419 -4.24 -3.21 1.06
N PRO A 420 -4.13 -2.17 0.23
CA PRO A 420 -4.86 -0.94 0.46
C PRO A 420 -6.35 -1.20 0.46
N VAL A 421 -6.75 -2.30 -0.18
CA VAL A 421 -8.16 -2.67 -0.23
C VAL A 421 -8.63 -3.10 1.15
N ALA A 422 -7.77 -3.83 1.84
CA ALA A 422 -8.04 -4.26 3.22
C ALA A 422 -8.04 -3.05 4.16
N LEU A 423 -7.15 -2.09 3.91
CA LEU A 423 -7.15 -0.83 4.64
C LEU A 423 -8.48 -0.11 4.48
N MET A 424 -8.93 0.03 3.24
CA MET A 424 -10.18 0.72 3.01
C MET A 424 -11.40 -0.01 3.57
N CYS A 425 -11.35 -1.35 3.56
CA CYS A 425 -12.34 -2.19 4.25
C CYS A 425 -12.39 -1.92 5.75
N GLU A 426 -11.22 -1.93 6.39
CA GLU A 426 -11.05 -1.54 7.78
C GLU A 426 -11.66 -0.16 8.04
N GLN A 427 -11.30 0.81 7.22
CA GLN A 427 -11.79 2.17 7.35
C GLN A 427 -13.30 2.25 7.27
N LEU A 428 -13.88 1.40 6.42
CA LEU A 428 -15.35 1.36 6.26
C LEU A 428 -16.07 0.40 7.22
N GLY A 429 -15.33 -0.38 8.00
CA GLY A 429 -15.90 -1.42 8.85
C GLY A 429 -16.67 -2.49 8.10
N ILE A 430 -16.20 -2.85 6.90
CA ILE A 430 -16.80 -3.91 6.11
C ILE A 430 -15.91 -5.15 6.08
N SER A 431 -16.55 -6.31 5.96
CA SER A 431 -15.85 -7.56 6.04
C SER A 431 -15.67 -8.18 4.68
N MET A 432 -14.61 -8.97 4.58
CA MET A 432 -14.30 -9.75 3.39
C MET A 432 -14.46 -11.20 3.78
N HIS A 433 -14.70 -12.05 2.78
CA HIS A 433 -14.74 -13.48 3.04
C HIS A 433 -13.51 -14.19 2.51
N LYS A 434 -12.73 -14.79 3.41
CA LYS A 434 -11.60 -15.62 3.01
C LYS A 434 -12.11 -16.93 2.39
N PHE A 435 -11.65 -17.21 1.17
CA PHE A 435 -12.01 -18.45 0.50
C PHE A 435 -11.48 -19.65 1.25
N GLY A 436 -12.30 -20.71 1.32
CA GLY A 436 -11.81 -21.99 1.83
C GLY A 436 -10.93 -22.66 0.80
N GLU A 437 -10.36 -23.79 1.19
CA GLU A 437 -9.42 -24.54 0.34
C GLU A 437 -10.10 -25.44 -0.69
N ARG A 438 -11.27 -25.95 -0.33
CA ARG A 438 -11.88 -27.06 -1.07
C ARG A 438 -12.55 -26.64 -2.36
N CYS A 439 -12.10 -27.25 -3.45
CA CYS A 439 -12.69 -27.04 -4.75
C CYS A 439 -12.80 -28.36 -5.54
N ASP A 440 -13.83 -29.15 -5.25
CA ASP A 440 -14.05 -30.42 -5.92
C ASP A 440 -14.08 -30.22 -7.42
N LEU A 441 -13.35 -31.05 -8.14
CA LEU A 441 -13.49 -31.05 -9.60
C LEU A 441 -14.61 -32.02 -9.99
N ILE A 442 -15.79 -31.47 -10.25
CA ILE A 442 -16.92 -32.28 -10.69
C ILE A 442 -16.84 -32.49 -12.21
N GLN A 443 -17.08 -33.73 -12.66
CA GLN A 443 -17.15 -34.06 -14.08
C GLN A 443 -18.60 -33.98 -14.54
N GLU A 444 -18.78 -33.70 -15.84
CA GLU A 444 -20.08 -33.81 -16.47
C GLU A 444 -20.54 -35.26 -16.29
N GLY A 445 -21.81 -35.44 -15.95
CA GLY A 445 -22.33 -36.76 -15.60
C GLY A 445 -22.51 -36.89 -14.10
N GLY A 446 -21.73 -36.13 -13.34
CA GLY A 446 -21.97 -35.99 -11.89
C GLY A 446 -20.88 -36.49 -10.96
N ARG A 447 -19.90 -37.17 -11.53
CA ARG A 447 -18.84 -37.79 -10.75
C ARG A 447 -17.86 -36.73 -10.20
N ILE A 448 -17.44 -36.92 -8.96
CA ILE A 448 -16.46 -36.06 -8.33
C ILE A 448 -15.08 -36.67 -8.51
N THR A 449 -14.19 -35.91 -9.15
CA THR A 449 -12.84 -36.35 -9.46
C THR A 449 -12.08 -36.66 -8.18
N ASP A 450 -11.28 -37.71 -8.21
CA ASP A 450 -10.44 -38.08 -7.07
C ASP A 450 -9.38 -37.00 -6.84
N PRO A 451 -9.31 -36.47 -5.62
CA PRO A 451 -8.35 -35.46 -5.23
C PRO A 451 -6.92 -35.77 -5.67
N THR A 452 -6.56 -37.05 -5.77
CA THR A 452 -5.20 -37.38 -6.18
C THR A 452 -4.94 -37.06 -7.66
N ILE A 453 -5.96 -37.19 -8.49
CA ILE A 453 -5.88 -36.85 -9.92
C ILE A 453 -5.68 -35.34 -10.08
N ASP A 454 -6.54 -34.58 -9.41
CA ASP A 454 -6.45 -33.13 -9.30
C ASP A 454 -5.04 -32.70 -8.89
N LYS A 455 -4.50 -33.31 -7.84
CA LYS A 455 -3.18 -32.95 -7.30
C LYS A 455 -2.05 -33.36 -8.22
N ARG A 456 -2.12 -34.57 -8.77
CA ARG A 456 -1.12 -35.05 -9.70
C ARG A 456 -1.05 -34.18 -10.97
N MET A 457 -2.20 -33.83 -11.51
CA MET A 457 -2.23 -33.02 -12.71
C MET A 457 -1.94 -31.53 -12.44
N ASP A 458 -2.19 -31.09 -11.20
CA ASP A 458 -1.76 -29.74 -10.77
C ASP A 458 -0.24 -29.70 -10.70
N PHE A 459 0.34 -30.76 -10.14
CA PHE A 459 1.78 -30.92 -10.09
C PHE A 459 2.37 -30.83 -11.49
N HIS A 460 1.81 -31.61 -12.42
CA HIS A 460 2.38 -31.68 -13.75
C HIS A 460 2.23 -30.38 -14.49
N PHE A 461 1.09 -29.73 -14.29
CA PHE A 461 0.90 -28.39 -14.81
C PHE A 461 2.02 -27.46 -14.35
N ASN A 462 2.36 -27.52 -13.06
CA ASN A 462 3.40 -26.65 -12.54
C ASN A 462 4.80 -26.99 -13.00
N ALA A 463 5.09 -28.27 -13.22
CA ALA A 463 6.37 -28.67 -13.81
C ALA A 463 6.48 -28.15 -15.24
N LEU A 464 5.38 -28.18 -15.97
CA LEU A 464 5.36 -27.65 -17.32
C LEU A 464 5.77 -26.18 -17.28
N LEU A 465 5.19 -25.44 -16.34
CA LEU A 465 5.52 -24.04 -16.17
C LEU A 465 7.00 -23.84 -15.77
N ASP A 466 7.54 -24.79 -15.02
CA ASP A 466 8.97 -24.75 -14.63
C ASP A 466 9.93 -24.98 -15.81
N VAL A 467 9.60 -25.92 -16.68
CA VAL A 467 10.37 -26.14 -17.90
C VAL A 467 10.34 -24.88 -18.76
N VAL A 468 9.18 -24.23 -18.85
CA VAL A 468 9.07 -22.94 -19.54
C VAL A 468 10.01 -21.91 -18.93
N SER A 469 10.03 -21.78 -17.61
CA SER A 469 10.89 -20.77 -16.99
C SER A 469 12.36 -21.14 -17.07
N GLU A 470 12.63 -22.42 -17.24
CA GLU A 470 13.95 -22.91 -17.63
C GLU A 470 14.27 -22.47 -19.05
N TRP A 471 13.38 -22.80 -19.98
CA TRP A 471 13.55 -22.52 -21.40
C TRP A 471 13.79 -21.07 -21.68
N ARG A 472 13.16 -20.19 -20.90
CA ARG A 472 13.12 -18.77 -21.22
C ARG A 472 14.28 -17.94 -20.66
N LYS A 473 14.87 -18.38 -19.56
CA LYS A 473 15.88 -17.59 -18.84
C LYS A 473 16.89 -16.93 -19.78
N ASP A 474 17.22 -17.61 -20.87
CA ASP A 474 18.25 -17.14 -21.80
C ASP A 474 17.69 -16.47 -23.05
N LYS A 475 16.41 -16.68 -23.32
CA LYS A 475 15.79 -16.16 -24.53
C LYS A 475 15.56 -14.66 -24.48
N THR A 476 15.80 -13.98 -25.60
CA THR A 476 15.54 -12.55 -25.70
C THR A 476 14.09 -12.31 -26.09
N GLN A 477 13.69 -11.05 -25.98
CA GLN A 477 12.36 -10.61 -26.39
C GLN A 477 12.04 -11.09 -27.81
N LEU A 478 13.00 -10.90 -28.71
CA LEU A 478 12.86 -11.29 -30.12
C LEU A 478 12.71 -12.81 -30.29
N GLN A 479 13.04 -13.57 -29.25
CA GLN A 479 12.93 -15.02 -29.28
C GLN A 479 11.69 -15.54 -28.56
N ASP A 480 10.83 -14.64 -28.11
CA ASP A 480 9.67 -15.04 -27.34
C ASP A 480 8.75 -15.96 -28.13
N VAL A 481 8.07 -16.85 -27.43
CA VAL A 481 7.17 -17.81 -28.05
C VAL A 481 5.89 -17.78 -27.22
N PRO A 482 4.71 -17.99 -27.84
CA PRO A 482 3.52 -18.03 -27.01
C PRO A 482 3.61 -19.09 -25.93
N LEU A 483 3.22 -18.72 -24.71
CA LEU A 483 3.20 -19.64 -23.59
C LEU A 483 2.43 -20.95 -23.89
N GLY A 484 1.31 -20.82 -24.60
CA GLY A 484 0.51 -21.99 -25.01
C GLY A 484 1.28 -22.94 -25.92
N GLU A 485 2.03 -22.38 -26.86
CA GLU A 485 2.85 -23.17 -27.77
C GLU A 485 3.96 -23.87 -27.02
N LYS A 486 4.60 -23.14 -26.11
CA LYS A 486 5.68 -23.70 -25.35
C LYS A 486 5.19 -24.87 -24.51
N ILE A 487 4.05 -24.67 -23.86
CA ILE A 487 3.47 -25.71 -23.02
C ILE A 487 3.15 -26.95 -23.86
N GLU A 488 2.46 -26.77 -24.99
CA GLU A 488 2.06 -27.90 -25.84
C GLU A 488 3.29 -28.67 -26.35
N GLU A 489 4.33 -27.92 -26.73
CA GLU A 489 5.61 -28.47 -27.13
C GLU A 489 6.22 -29.34 -26.01
N ILE A 490 6.36 -28.74 -24.83
CA ILE A 490 6.99 -29.39 -23.68
C ILE A 490 6.24 -30.63 -23.23
N TYR A 491 4.91 -30.55 -23.24
CA TYR A 491 4.08 -31.68 -22.86
C TYR A 491 4.27 -32.86 -23.81
N LYS A 492 4.36 -32.55 -25.11
CA LYS A 492 4.57 -33.53 -26.18
C LYS A 492 5.92 -34.23 -26.02
N ALA A 493 6.96 -33.45 -25.76
CA ALA A 493 8.31 -33.98 -25.57
C ALA A 493 8.42 -34.80 -24.28
N PHE A 494 7.63 -34.43 -23.28
CA PHE A 494 7.53 -35.19 -22.04
C PHE A 494 6.90 -36.56 -22.31
N ILE A 495 5.73 -36.55 -22.94
CA ILE A 495 5.04 -37.79 -23.30
C ILE A 495 5.99 -38.71 -24.06
N LYS A 496 6.59 -38.16 -25.11
CA LYS A 496 7.52 -38.87 -25.99
C LYS A 496 8.70 -39.51 -25.25
N GLU A 497 9.54 -38.71 -24.59
CA GLU A 497 10.76 -39.25 -23.98
C GLU A 497 10.60 -39.67 -22.51
N SER A 498 9.42 -40.14 -22.13
CA SER A 498 9.24 -40.75 -20.81
C SER A 498 8.36 -41.99 -20.92
N GLY A 499 7.60 -42.06 -22.02
CA GLY A 499 6.66 -43.15 -22.25
C GLY A 499 5.43 -43.04 -21.37
N ILE A 500 5.40 -42.04 -20.50
CA ILE A 500 4.25 -41.82 -19.63
C ILE A 500 3.04 -41.48 -20.49
N GLN A 501 1.91 -42.08 -20.16
CA GLN A 501 0.67 -41.79 -20.86
C GLN A 501 -0.47 -41.58 -19.89
N PHE A 502 -1.16 -40.45 -20.06
CA PHE A 502 -2.22 -40.03 -19.14
C PHE A 502 -3.59 -40.48 -19.62
N SER A 503 -4.48 -40.79 -18.69
CA SER A 503 -5.84 -41.17 -19.05
C SER A 503 -6.59 -39.97 -19.67
N GLU A 504 -7.81 -40.19 -20.10
CA GLU A 504 -8.63 -39.13 -20.64
C GLU A 504 -8.96 -38.13 -19.54
N LEU A 505 -9.42 -38.66 -18.40
CA LEU A 505 -9.77 -37.85 -17.25
C LEU A 505 -8.58 -37.02 -16.77
N GLU A 506 -7.40 -37.65 -16.72
CA GLU A 506 -6.18 -36.94 -16.33
C GLU A 506 -5.88 -35.81 -17.29
N GLY A 507 -6.05 -36.07 -18.58
CA GLY A 507 -5.88 -35.02 -19.59
C GLY A 507 -6.85 -33.87 -19.39
N GLN A 508 -8.06 -34.20 -18.99
CA GLN A 508 -9.11 -33.20 -18.82
C GLN A 508 -8.88 -32.34 -17.58
N VAL A 509 -8.33 -32.95 -16.54
CA VAL A 509 -8.03 -32.24 -15.29
C VAL A 509 -6.87 -31.27 -15.55
N LEU A 510 -5.89 -31.73 -16.32
CA LEU A 510 -4.81 -30.88 -16.79
C LEU A 510 -5.36 -29.71 -17.56
N GLN A 511 -6.42 -29.94 -18.33
CA GLN A 511 -7.06 -28.88 -19.10
C GLN A 511 -7.74 -27.86 -18.19
N PHE A 512 -8.28 -28.34 -17.06
CA PHE A 512 -8.86 -27.48 -16.04
C PHE A 512 -7.83 -26.53 -15.45
N HIS A 513 -6.65 -27.06 -15.08
CA HIS A 513 -5.60 -26.23 -14.49
C HIS A 513 -5.06 -25.27 -15.50
N LEU A 514 -4.98 -25.72 -16.75
CA LEU A 514 -4.60 -24.86 -17.85
C LEU A 514 -5.57 -23.67 -18.03
N SER A 515 -6.88 -23.90 -17.89
CA SER A 515 -7.87 -22.83 -18.05
C SER A 515 -7.81 -21.82 -16.91
N ASN A 516 -7.35 -22.25 -15.73
CA ASN A 516 -7.08 -21.34 -14.61
C ASN A 516 -6.01 -20.30 -14.94
N LEU A 517 -4.96 -20.74 -15.64
CA LEU A 517 -3.92 -19.82 -16.07
C LEU A 517 -4.50 -18.88 -17.12
N GLU A 518 -5.36 -19.40 -18.00
CA GLU A 518 -6.00 -18.56 -19.01
C GLU A 518 -6.90 -17.52 -18.36
N TYR A 519 -7.60 -17.95 -17.30
CA TYR A 519 -8.44 -17.08 -16.51
C TYR A 519 -7.56 -15.99 -15.91
N ALA A 520 -6.45 -16.40 -15.31
CA ALA A 520 -5.52 -15.49 -14.64
C ALA A 520 -4.92 -14.47 -15.60
N CYS A 521 -4.56 -14.92 -16.80
CA CYS A 521 -4.02 -14.03 -17.82
C CYS A 521 -5.10 -13.23 -18.51
N GLY A 522 -6.34 -13.70 -18.45
CA GLY A 522 -7.43 -13.11 -19.25
C GLY A 522 -7.25 -13.37 -20.73
N SER A 523 -6.56 -14.45 -21.07
CA SER A 523 -6.39 -14.81 -22.47
C SER A 523 -6.10 -16.28 -22.65
N ASN A 524 -6.53 -16.79 -23.79
CA ASN A 524 -6.00 -18.03 -24.34
C ASN A 524 -4.49 -17.90 -24.33
N LEU A 525 -3.81 -18.98 -23.92
CA LEU A 525 -2.37 -18.96 -23.70
C LEU A 525 -1.53 -18.82 -24.95
N HIS A 526 -2.16 -18.94 -26.11
CA HIS A 526 -1.45 -18.76 -27.37
C HIS A 526 -1.21 -17.33 -27.72
N GLN A 527 -1.75 -16.41 -26.91
CA GLN A 527 -1.50 -14.97 -27.04
C GLN A 527 -0.54 -14.48 -25.95
N VAL A 528 -0.33 -15.30 -24.93
CA VAL A 528 0.41 -14.89 -23.73
C VAL A 528 1.91 -15.15 -23.90
N SER A 529 2.73 -14.20 -23.46
CA SER A 529 4.20 -14.34 -23.52
C SER A 529 4.72 -15.47 -22.65
N ALA A 530 5.50 -16.37 -23.24
CA ALA A 530 6.20 -17.37 -22.43
C ALA A 530 7.27 -16.73 -21.54
N ARG A 531 8.01 -15.77 -22.07
CA ARG A 531 9.05 -15.09 -21.31
C ARG A 531 8.52 -14.30 -20.11
N SER A 532 7.36 -13.66 -20.31
CA SER A 532 6.96 -12.55 -19.45
C SER A 532 5.62 -12.69 -18.75
N TRP A 533 4.94 -13.82 -18.93
CA TRP A 533 3.55 -13.94 -18.45
C TRP A 533 3.43 -13.66 -16.98
N ASP A 534 4.44 -14.05 -16.21
CA ASP A 534 4.44 -13.81 -14.76
C ASP A 534 5.57 -12.86 -14.35
N HIS A 535 5.90 -11.92 -15.23
CA HIS A 535 6.97 -10.92 -14.97
C HIS A 535 6.85 -10.23 -13.63
N ASN A 536 5.62 -9.97 -13.19
CA ASN A 536 5.38 -9.18 -11.98
C ASN A 536 5.78 -9.94 -10.74
N GLU A 537 5.86 -11.26 -10.89
CA GLU A 537 6.15 -12.19 -9.81
C GLU A 537 7.56 -11.99 -9.28
N PHE A 538 8.38 -11.32 -10.09
CA PHE A 538 9.74 -10.91 -9.76
C PHE A 538 9.76 -9.98 -8.54
N PHE A 539 8.70 -9.18 -8.40
CA PHE A 539 8.60 -8.20 -7.33
C PHE A 539 7.81 -8.77 -6.19
N ALA A 540 8.01 -8.23 -4.99
CA ALA A 540 7.23 -8.65 -3.82
C ALA A 540 5.73 -8.48 -4.08
N GLN A 541 4.99 -9.56 -3.86
CA GLN A 541 3.55 -9.59 -4.04
C GLN A 541 2.88 -9.54 -2.67
N PHE A 542 1.58 -9.29 -2.68
CA PHE A 542 0.79 -9.20 -1.46
C PHE A 542 0.57 -10.54 -0.82
N ALA A 543 1.01 -10.63 0.44
CA ALA A 543 0.87 -11.85 1.21
C ALA A 543 -0.56 -12.01 1.77
N GLY A 544 -0.85 -13.20 2.29
CA GLY A 544 -2.06 -13.42 3.07
C GLY A 544 -3.31 -13.76 2.28
N ASP A 545 -4.44 -13.57 2.93
CA ASP A 545 -5.72 -14.10 2.50
C ASP A 545 -6.12 -13.76 1.07
N HIS A 546 -6.76 -14.73 0.42
CA HIS A 546 -7.50 -14.45 -0.81
C HIS A 546 -8.94 -14.40 -0.42
N THR A 547 -9.61 -13.30 -0.77
CA THR A 547 -10.93 -13.06 -0.23
C THR A 547 -11.96 -12.67 -1.29
N LEU A 548 -13.21 -13.02 -0.99
CA LEU A 548 -14.34 -12.43 -1.66
C LEU A 548 -14.72 -11.13 -0.94
N LEU A 549 -14.77 -10.04 -1.69
CA LEU A 549 -15.16 -8.76 -1.10
C LEU A 549 -16.68 -8.73 -1.08
N THR A 550 -17.21 -9.35 -0.02
CA THR A 550 -18.63 -9.61 0.16
C THR A 550 -19.54 -8.42 -0.17
N PRO A 551 -19.32 -7.26 0.49
CA PRO A 551 -20.17 -6.12 0.13
C PRO A 551 -19.84 -5.52 -1.25
N GLY A 552 -18.74 -5.96 -1.85
CA GLY A 552 -18.37 -5.44 -3.17
C GLY A 552 -17.42 -4.25 -3.14
N TYR A 553 -16.58 -4.17 -4.18
CA TYR A 553 -15.65 -3.09 -4.35
C TYR A 553 -16.34 -1.74 -4.50
N SER A 554 -17.62 -1.76 -4.86
CA SER A 554 -18.35 -0.54 -5.15
C SER A 554 -18.53 0.29 -3.90
N VAL A 555 -18.65 -0.37 -2.76
CA VAL A 555 -18.76 0.32 -1.49
C VAL A 555 -17.51 1.19 -1.31
N ILE A 556 -16.34 0.64 -1.64
CA ILE A 556 -15.10 1.41 -1.62
C ILE A 556 -15.07 2.50 -2.69
N ILE A 557 -15.48 2.14 -3.91
CA ILE A 557 -15.40 3.05 -5.04
C ILE A 557 -16.30 4.27 -4.77
N GLU A 558 -17.48 4.00 -4.22
CA GLU A 558 -18.42 5.07 -3.97
C GLU A 558 -17.93 6.02 -2.87
N LYS A 559 -17.28 5.46 -1.86
CA LYS A 559 -16.73 6.26 -0.78
C LYS A 559 -15.60 7.15 -1.27
N LEU A 560 -14.67 6.58 -2.04
CA LEU A 560 -13.62 7.35 -2.69
C LEU A 560 -14.19 8.50 -3.51
N ALA A 561 -15.29 8.25 -4.20
CA ALA A 561 -15.85 9.25 -5.10
C ALA A 561 -16.66 10.33 -4.37
N GLU A 562 -17.05 10.07 -3.12
CA GLU A 562 -17.96 10.92 -2.34
C GLU A 562 -17.56 12.40 -2.35
N GLY A 563 -18.42 13.24 -2.92
CA GLY A 563 -18.23 14.69 -2.91
C GLY A 563 -17.14 15.22 -3.84
N LEU A 564 -16.64 14.39 -4.74
CA LEU A 564 -15.64 14.87 -5.70
C LEU A 564 -16.35 15.46 -6.89
N ASP A 565 -15.67 16.34 -7.61
CA ASP A 565 -16.22 16.87 -8.83
C ASP A 565 -16.03 15.84 -9.94
N ILE A 566 -17.08 15.04 -10.17
CA ILE A 566 -17.07 13.98 -11.19
C ILE A 566 -18.13 14.26 -12.24
N GLN A 567 -17.73 14.35 -13.50
CA GLN A 567 -18.64 14.56 -14.60
C GLN A 567 -18.87 13.24 -15.31
N LEU A 568 -20.10 12.73 -15.27
CA LEU A 568 -20.43 11.47 -15.94
C LEU A 568 -20.75 11.72 -17.39
N LYS A 569 -20.84 10.65 -18.15
CA LYS A 569 -21.10 10.74 -19.59
C LYS A 569 -20.32 11.90 -20.20
N SER A 570 -19.05 12.00 -19.82
CA SER A 570 -18.15 13.01 -20.36
C SER A 570 -16.91 12.31 -20.94
N PRO A 571 -17.12 11.51 -22.00
CA PRO A 571 -16.04 10.79 -22.65
C PRO A 571 -15.03 11.77 -23.23
N VAL A 572 -13.78 11.64 -22.82
CA VAL A 572 -12.73 12.48 -23.37
C VAL A 572 -12.34 12.00 -24.76
N GLN A 573 -12.25 12.96 -25.68
CA GLN A 573 -11.84 12.68 -27.05
C GLN A 573 -10.48 13.28 -27.39
N CYS A 574 -10.17 14.42 -26.80
CA CYS A 574 -8.90 15.09 -27.10
C CYS A 574 -8.19 15.63 -25.88
N ILE A 575 -6.87 15.44 -25.87
CA ILE A 575 -6.02 16.02 -24.84
C ILE A 575 -4.94 16.80 -25.55
N ASP A 576 -4.94 18.11 -25.32
CA ASP A 576 -3.95 18.99 -25.89
C ASP A 576 -3.15 19.64 -24.78
N TYR A 577 -1.85 19.38 -24.75
CA TYR A 577 -0.98 19.93 -23.72
C TYR A 577 0.18 20.72 -24.36
N SER A 578 -0.01 21.10 -25.63
CA SER A 578 1.02 21.87 -26.37
C SER A 578 1.11 23.32 -25.87
N GLY A 579 0.00 23.82 -25.32
CA GLY A 579 -0.04 25.16 -24.74
C GLY A 579 0.39 25.18 -23.29
N ASP A 580 0.03 26.27 -22.61
CA ASP A 580 0.41 26.50 -21.20
C ASP A 580 -0.43 25.68 -20.23
N GLU A 581 -1.71 25.55 -20.55
CA GLU A 581 -2.61 24.70 -19.79
C GLU A 581 -2.88 23.48 -20.65
N VAL A 582 -3.25 22.37 -20.01
CA VAL A 582 -3.76 21.24 -20.76
C VAL A 582 -5.20 21.55 -21.13
N GLN A 583 -5.55 21.29 -22.39
CA GLN A 583 -6.91 21.46 -22.86
C GLN A 583 -7.54 20.11 -23.14
N VAL A 584 -8.60 19.81 -22.39
CA VAL A 584 -9.29 18.53 -22.52
C VAL A 584 -10.69 18.78 -23.13
N THR A 585 -11.04 18.02 -24.15
CA THR A 585 -12.31 18.16 -24.85
C THR A 585 -13.05 16.83 -24.89
N THR A 586 -14.29 16.82 -24.39
CA THR A 586 -15.15 15.63 -24.50
C THR A 586 -15.75 15.46 -25.90
N THR A 587 -16.36 14.29 -26.16
CA THR A 587 -16.88 13.94 -27.48
C THR A 587 -17.93 14.93 -27.97
N ASP A 588 -18.70 15.50 -27.07
CA ASP A 588 -19.73 16.48 -27.45
C ASP A 588 -19.15 17.89 -27.69
N GLY A 589 -17.92 18.12 -27.24
CA GLY A 589 -17.25 19.38 -27.50
C GLY A 589 -16.94 20.26 -26.30
N THR A 590 -17.56 19.97 -25.15
CA THR A 590 -17.25 20.67 -23.90
C THR A 590 -15.76 20.66 -23.63
N GLY A 591 -15.20 21.84 -23.40
CA GLY A 591 -13.78 21.99 -23.11
C GLY A 591 -13.53 22.08 -21.62
N TYR A 592 -12.39 21.54 -21.17
CA TYR A 592 -11.91 21.71 -19.80
C TYR A 592 -10.42 22.01 -19.87
N SER A 593 -9.91 22.76 -18.91
CA SER A 593 -8.50 23.08 -18.88
C SER A 593 -7.99 22.94 -17.46
N ALA A 594 -6.76 22.46 -17.34
CA ALA A 594 -6.07 22.39 -16.06
C ALA A 594 -4.59 22.46 -16.34
N GLN A 595 -3.78 22.56 -15.27
CA GLN A 595 -2.33 22.55 -15.43
C GLN A 595 -1.85 21.13 -15.71
N LYS A 596 -2.56 20.15 -15.17
CA LYS A 596 -2.14 18.76 -15.25
C LYS A 596 -3.31 17.82 -15.57
N VAL A 597 -3.01 16.79 -16.36
CA VAL A 597 -3.99 15.79 -16.75
C VAL A 597 -3.49 14.38 -16.38
N LEU A 598 -4.37 13.58 -15.80
CA LEU A 598 -4.08 12.18 -15.48
C LEU A 598 -4.97 11.24 -16.28
N VAL A 599 -4.34 10.38 -17.09
CA VAL A 599 -5.08 9.43 -17.90
C VAL A 599 -5.18 8.07 -17.19
N THR A 600 -6.39 7.57 -17.01
CA THR A 600 -6.57 6.28 -16.33
C THR A 600 -7.46 5.33 -17.14
N VAL A 601 -7.61 5.61 -18.43
CA VAL A 601 -8.49 4.82 -19.28
C VAL A 601 -7.94 3.39 -19.45
N PRO A 602 -8.83 2.41 -19.68
CA PRO A 602 -8.37 1.03 -19.85
C PRO A 602 -7.37 0.91 -20.99
N LEU A 603 -6.44 -0.03 -20.88
CA LEU A 603 -5.47 -0.31 -21.93
C LEU A 603 -6.13 -0.42 -23.30
N ALA A 604 -7.26 -1.14 -23.38
CA ALA A 604 -7.94 -1.38 -24.65
C ALA A 604 -8.34 -0.06 -25.29
N LEU A 605 -8.71 0.91 -24.48
CA LEU A 605 -9.07 2.22 -25.01
C LEU A 605 -7.88 3.03 -25.51
N LEU A 606 -6.72 2.88 -24.87
CA LEU A 606 -5.53 3.52 -25.39
C LEU A 606 -5.18 2.91 -26.73
N GLN A 607 -5.28 1.59 -26.79
CA GLN A 607 -4.93 0.82 -27.97
C GLN A 607 -5.82 1.18 -29.15
N LYS A 608 -7.10 1.38 -28.90
CA LYS A 608 -8.04 1.74 -29.95
C LYS A 608 -7.96 3.21 -30.32
N GLY A 609 -7.05 3.94 -29.67
CA GLY A 609 -6.86 5.37 -29.90
C GLY A 609 -8.12 6.22 -29.75
N ALA A 610 -8.93 5.92 -28.75
CA ALA A 610 -10.15 6.70 -28.45
C ALA A 610 -9.86 8.13 -28.01
N ILE A 611 -8.71 8.34 -27.37
CA ILE A 611 -8.33 9.69 -26.98
C ILE A 611 -7.25 10.17 -27.93
N GLN A 612 -7.50 11.29 -28.58
CA GLN A 612 -6.49 11.93 -29.42
C GLN A 612 -5.55 12.75 -28.53
N PHE A 613 -4.26 12.47 -28.64
CA PHE A 613 -3.24 13.20 -27.85
C PHE A 613 -2.50 14.14 -28.77
N ASN A 614 -2.43 15.40 -28.37
CA ASN A 614 -1.61 16.36 -29.08
C ASN A 614 -0.76 17.19 -28.13
N PRO A 615 0.58 17.11 -28.25
CA PRO A 615 1.40 16.25 -29.11
C PRO A 615 1.00 14.78 -28.99
N PRO A 616 1.15 14.00 -30.07
CA PRO A 616 0.87 12.57 -29.99
C PRO A 616 1.79 11.83 -29.00
N LEU A 617 1.32 10.68 -28.49
CA LEU A 617 2.16 9.84 -27.61
C LEU A 617 3.42 9.41 -28.35
N SER A 618 4.52 9.26 -27.63
CA SER A 618 5.79 8.82 -28.23
C SER A 618 5.66 7.43 -28.85
N GLU A 619 6.55 7.13 -29.79
CA GLU A 619 6.63 5.80 -30.41
C GLU A 619 6.89 4.75 -29.33
N LYS A 620 7.75 5.11 -28.37
CA LYS A 620 8.11 4.25 -27.25
C LYS A 620 6.87 3.89 -26.42
N LYS A 621 6.05 4.89 -26.11
CA LYS A 621 4.85 4.65 -25.36
C LYS A 621 3.87 3.81 -26.12
N MET A 622 3.78 4.06 -27.43
CA MET A 622 2.81 3.36 -28.24
C MET A 622 3.23 1.91 -28.46
N LYS A 623 4.54 1.70 -28.51
CA LYS A 623 5.13 0.36 -28.61
C LYS A 623 4.79 -0.41 -27.33
N ALA A 624 4.93 0.24 -26.17
CA ALA A 624 4.60 -0.36 -24.88
C ALA A 624 3.12 -0.69 -24.84
N ILE A 625 2.31 0.29 -25.21
CA ILE A 625 0.87 0.14 -25.19
C ILE A 625 0.39 -1.08 -25.99
N ASN A 626 0.94 -1.25 -27.19
CA ASN A 626 0.54 -2.34 -28.09
C ASN A 626 1.21 -3.68 -27.76
N SER A 627 2.25 -3.64 -26.93
CA SER A 627 2.94 -4.86 -26.49
C SER A 627 2.15 -5.61 -25.41
N LEU A 628 1.15 -4.96 -24.83
CA LEU A 628 0.32 -5.58 -23.81
C LEU A 628 -1.02 -6.02 -24.41
N GLY A 629 -1.52 -7.17 -23.97
CA GLY A 629 -2.82 -7.58 -24.44
C GLY A 629 -3.91 -7.08 -23.53
N ALA A 630 -5.05 -6.77 -24.14
CA ALA A 630 -6.24 -6.44 -23.37
C ALA A 630 -6.93 -7.75 -23.06
N GLY A 631 -6.61 -8.33 -21.92
CA GLY A 631 -7.20 -9.60 -21.53
C GLY A 631 -8.68 -9.47 -21.28
N ILE A 632 -9.37 -10.59 -21.40
CA ILE A 632 -10.82 -10.59 -21.25
C ILE A 632 -11.29 -11.84 -20.51
N ILE A 633 -12.21 -11.64 -19.59
CA ILE A 633 -13.06 -12.71 -19.11
C ILE A 633 -14.46 -12.13 -19.07
N GLU A 634 -15.47 -12.99 -18.98
CA GLU A 634 -16.83 -12.53 -18.77
C GLU A 634 -17.38 -13.35 -17.62
N LYS A 635 -18.44 -12.84 -16.99
CA LYS A 635 -19.02 -13.47 -15.83
C LYS A 635 -20.50 -13.74 -16.04
N ILE A 636 -21.00 -14.77 -15.37
CA ILE A 636 -22.42 -15.03 -15.34
C ILE A 636 -22.84 -15.15 -13.89
N ALA A 637 -23.93 -14.50 -13.51
CA ALA A 637 -24.52 -14.73 -12.18
C ALA A 637 -25.89 -15.39 -12.34
N LEU A 638 -26.23 -16.30 -11.43
CA LEU A 638 -27.47 -17.06 -11.51
C LEU A 638 -28.09 -17.09 -10.12
N GLN A 639 -29.31 -16.61 -10.03
CA GLN A 639 -30.09 -16.77 -8.80
C GLN A 639 -31.01 -17.99 -8.94
N PHE A 640 -31.06 -18.81 -7.91
CA PHE A 640 -31.92 -19.99 -7.87
C PHE A 640 -32.89 -19.88 -6.70
N PRO A 641 -34.05 -20.57 -6.81
CA PRO A 641 -35.07 -20.51 -5.75
C PRO A 641 -34.60 -21.13 -4.44
N TYR A 642 -33.58 -21.99 -4.52
CA TYR A 642 -32.98 -22.58 -3.31
C TYR A 642 -31.58 -23.05 -3.65
N ARG A 643 -30.83 -23.41 -2.62
CA ARG A 643 -29.46 -23.86 -2.74
C ARG A 643 -29.36 -25.33 -3.15
N PHE A 644 -29.63 -25.62 -4.41
CA PHE A 644 -29.68 -26.99 -4.93
C PHE A 644 -28.39 -27.79 -4.77
N TRP A 645 -27.27 -27.10 -4.62
CA TRP A 645 -25.96 -27.74 -4.68
C TRP A 645 -25.42 -28.18 -3.35
N ASP A 646 -26.11 -27.85 -2.27
CA ASP A 646 -25.61 -28.06 -0.90
C ASP A 646 -25.25 -29.50 -0.50
N SER A 647 -26.05 -30.47 -0.93
CA SER A 647 -25.78 -31.85 -0.51
C SER A 647 -24.56 -32.41 -1.23
N LYS A 648 -24.37 -31.99 -2.48
CA LYS A 648 -23.18 -32.43 -3.21
C LYS A 648 -21.92 -31.62 -2.85
N VAL A 649 -22.08 -30.32 -2.63
CA VAL A 649 -20.92 -29.44 -2.50
C VAL A 649 -20.50 -29.27 -1.04
N GLN A 650 -21.48 -29.42 -0.14
CA GLN A 650 -21.24 -29.44 1.30
C GLN A 650 -20.45 -28.22 1.78
N GLY A 651 -20.98 -27.03 1.53
CA GLY A 651 -20.40 -25.79 2.08
C GLY A 651 -19.13 -25.23 1.45
N ALA A 652 -18.58 -25.87 0.41
CA ALA A 652 -17.38 -25.35 -0.26
C ALA A 652 -17.69 -24.01 -0.91
N ASP A 653 -16.68 -23.17 -1.13
CA ASP A 653 -16.94 -21.81 -1.64
C ASP A 653 -17.13 -21.79 -3.15
N PHE A 654 -16.62 -22.84 -3.78
CA PHE A 654 -16.68 -23.00 -5.21
C PHE A 654 -16.58 -24.47 -5.54
N PHE A 655 -16.96 -24.82 -6.77
CA PHE A 655 -16.66 -26.14 -7.30
C PHE A 655 -16.19 -26.00 -8.74
N GLY A 656 -15.40 -26.96 -9.19
CA GLY A 656 -14.87 -26.92 -10.54
C GLY A 656 -15.66 -27.79 -11.49
N HIS A 657 -15.44 -27.55 -12.76
CA HIS A 657 -16.10 -28.23 -13.85
C HIS A 657 -15.00 -28.80 -14.71
N VAL A 658 -14.79 -30.11 -14.63
CA VAL A 658 -13.77 -30.73 -15.47
C VAL A 658 -14.25 -30.55 -16.91
N PRO A 659 -13.42 -29.94 -17.76
CA PRO A 659 -13.87 -29.68 -19.11
C PRO A 659 -13.89 -30.96 -19.97
N PRO A 660 -14.95 -31.13 -20.79
CA PRO A 660 -15.02 -32.34 -21.59
C PRO A 660 -13.95 -32.36 -22.69
N SER A 661 -13.48 -31.20 -23.11
CA SER A 661 -12.39 -31.12 -24.10
C SER A 661 -11.50 -29.89 -23.91
N ALA A 662 -10.34 -29.87 -24.56
CA ALA A 662 -9.48 -28.69 -24.55
C ALA A 662 -10.27 -27.51 -25.09
N SER A 663 -11.24 -27.81 -25.95
CA SER A 663 -11.99 -26.79 -26.69
C SER A 663 -12.99 -26.06 -25.82
N LYS A 664 -13.32 -26.66 -24.68
CA LYS A 664 -14.39 -26.13 -23.85
C LYS A 664 -13.85 -25.61 -22.53
N ARG A 665 -12.54 -25.55 -22.39
CA ARG A 665 -11.90 -25.54 -21.06
C ARG A 665 -12.21 -24.37 -20.11
N GLY A 666 -12.38 -23.18 -20.69
CA GLY A 666 -12.73 -21.99 -19.93
C GLY A 666 -14.21 -21.70 -19.89
N LEU A 667 -15.05 -22.63 -20.35
CA LEU A 667 -16.48 -22.44 -20.37
C LEU A 667 -17.04 -22.88 -19.04
N PHE A 668 -17.17 -21.92 -18.14
CA PHE A 668 -17.71 -22.12 -16.77
C PHE A 668 -16.91 -23.14 -15.95
N ALA A 669 -15.62 -22.90 -15.80
CA ALA A 669 -14.71 -23.84 -15.15
C ALA A 669 -14.86 -23.88 -13.63
N VAL A 670 -15.28 -22.76 -13.03
CA VAL A 670 -15.50 -22.68 -11.59
C VAL A 670 -16.82 -21.99 -11.31
N PHE A 671 -17.57 -22.52 -10.35
CA PHE A 671 -18.79 -21.87 -9.92
C PHE A 671 -18.58 -21.40 -8.49
N TYR A 672 -18.91 -20.15 -8.22
CA TYR A 672 -18.69 -19.53 -6.91
C TYR A 672 -20.01 -19.42 -6.20
N ASP A 673 -20.06 -19.90 -4.95
CA ASP A 673 -21.22 -19.72 -4.10
C ASP A 673 -21.17 -18.29 -3.57
N MET A 674 -22.08 -17.45 -4.05
CA MET A 674 -21.97 -16.01 -3.76
C MET A 674 -22.40 -15.56 -2.37
N ASP A 675 -22.88 -16.47 -1.55
CA ASP A 675 -23.27 -16.12 -0.19
C ASP A 675 -22.47 -16.98 0.76
N PRO A 676 -21.43 -16.39 1.36
CA PRO A 676 -20.60 -17.14 2.30
C PRO A 676 -21.33 -17.47 3.58
N GLN A 677 -22.54 -16.92 3.73
CA GLN A 677 -23.42 -17.22 4.86
C GLN A 677 -24.22 -18.50 4.64
N LYS A 678 -24.21 -19.00 3.41
CA LYS A 678 -24.88 -20.27 3.04
C LYS A 678 -26.40 -20.20 3.22
N LYS A 679 -26.96 -19.02 2.98
CA LYS A 679 -28.39 -18.80 3.17
C LYS A 679 -29.06 -18.47 1.85
N HIS A 680 -28.37 -17.73 0.99
CA HIS A 680 -28.96 -17.35 -0.29
C HIS A 680 -28.39 -18.21 -1.37
N SER A 681 -29.01 -18.17 -2.54
CA SER A 681 -28.69 -19.10 -3.62
C SER A 681 -28.37 -18.37 -4.92
N VAL A 682 -27.15 -17.88 -4.99
CA VAL A 682 -26.62 -17.22 -6.17
C VAL A 682 -25.27 -17.84 -6.46
N LEU A 683 -25.13 -18.33 -7.68
CA LEU A 683 -23.86 -18.85 -8.16
C LEU A 683 -23.32 -17.90 -9.19
N MET A 684 -22.00 -17.77 -9.23
CA MET A 684 -21.38 -17.04 -10.34
CA MET A 684 -21.34 -17.02 -10.29
C MET A 684 -20.35 -17.90 -11.03
N SER A 685 -20.24 -17.69 -12.32
CA SER A 685 -19.20 -18.37 -13.03
C SER A 685 -18.59 -17.44 -14.03
N VAL A 686 -17.56 -17.97 -14.70
CA VAL A 686 -16.61 -17.21 -15.45
C VAL A 686 -16.44 -17.86 -16.84
N ILE A 687 -16.35 -17.04 -17.88
CA ILE A 687 -15.97 -17.52 -19.19
C ILE A 687 -14.59 -16.94 -19.46
N ALA A 688 -13.64 -17.81 -19.77
CA ALA A 688 -12.26 -17.38 -20.03
C ALA A 688 -11.69 -18.13 -21.23
N GLY A 689 -10.53 -17.72 -21.71
CA GLY A 689 -9.85 -18.42 -22.80
C GLY A 689 -10.64 -18.33 -24.10
N GLU A 690 -10.48 -19.32 -24.97
CA GLU A 690 -11.12 -19.32 -26.27
C GLU A 690 -12.63 -19.31 -26.12
N ALA A 691 -13.12 -19.74 -24.96
CA ALA A 691 -14.55 -19.74 -24.70
C ALA A 691 -15.20 -18.34 -24.75
N VAL A 692 -14.41 -17.31 -24.46
CA VAL A 692 -14.95 -15.95 -24.53
C VAL A 692 -15.37 -15.64 -25.97
N ALA A 693 -14.48 -15.92 -26.92
CA ALA A 693 -14.78 -15.77 -28.37
C ALA A 693 -16.06 -16.52 -28.77
N SER A 694 -16.20 -17.75 -28.26
CA SER A 694 -17.35 -18.60 -28.57
C SER A 694 -18.71 -18.02 -28.23
N VAL A 695 -18.76 -17.13 -27.24
CA VAL A 695 -20.01 -16.57 -26.73
C VAL A 695 -20.41 -15.26 -27.38
N ARG A 696 -19.50 -14.70 -28.17
CA ARG A 696 -19.72 -13.38 -28.77
C ARG A 696 -20.98 -13.33 -29.61
N THR A 697 -21.32 -14.44 -30.25
CA THR A 697 -22.47 -14.52 -31.15
C THR A 697 -23.76 -14.91 -30.43
N LEU A 698 -23.68 -15.24 -29.15
CA LEU A 698 -24.85 -15.69 -28.41
C LEU A 698 -25.44 -14.56 -27.62
N ASP A 699 -26.77 -14.48 -27.58
CA ASP A 699 -27.35 -13.51 -26.66
C ASP A 699 -27.34 -14.06 -25.24
N ASP A 700 -27.86 -13.27 -24.31
CA ASP A 700 -27.72 -13.61 -22.91
C ASP A 700 -28.39 -14.92 -22.57
N LYS A 701 -29.59 -15.14 -23.12
CA LYS A 701 -30.36 -16.35 -22.86
C LYS A 701 -29.67 -17.64 -23.35
N GLN A 702 -28.98 -17.57 -24.48
CA GLN A 702 -28.24 -18.75 -24.94
C GLN A 702 -27.04 -19.05 -24.04
N VAL A 703 -26.29 -18.01 -23.66
CA VAL A 703 -25.17 -18.17 -22.71
C VAL A 703 -25.70 -18.80 -21.42
N LEU A 704 -26.81 -18.27 -20.94
CA LEU A 704 -27.52 -18.81 -19.78
C LEU A 704 -27.87 -20.31 -19.93
N GLN A 705 -28.42 -20.65 -21.11
CA GLN A 705 -28.84 -22.04 -21.38
C GLN A 705 -27.65 -22.98 -21.36
N GLN A 706 -26.55 -22.50 -21.95
CA GLN A 706 -25.27 -23.20 -21.97
C GLN A 706 -24.77 -23.47 -20.56
N CYS A 707 -24.94 -22.48 -19.69
CA CYS A 707 -24.50 -22.58 -18.32
C CYS A 707 -25.38 -23.52 -17.51
N MET A 708 -26.69 -23.45 -17.77
CA MET A 708 -27.62 -24.35 -17.11
C MET A 708 -27.42 -25.79 -17.56
N ALA A 709 -27.06 -25.97 -18.83
CA ALA A 709 -26.76 -27.31 -19.36
C ALA A 709 -25.54 -27.88 -18.65
N THR A 710 -24.54 -27.02 -18.44
CA THR A 710 -23.35 -27.38 -17.66
C THR A 710 -23.71 -27.80 -16.25
N LEU A 711 -24.47 -26.96 -15.56
CA LEU A 711 -24.90 -27.26 -14.21
C LEU A 711 -25.69 -28.58 -14.15
N ARG A 712 -26.53 -28.84 -15.15
CA ARG A 712 -27.33 -30.06 -15.15
C ARG A 712 -26.51 -31.32 -15.33
N GLU A 713 -25.43 -31.17 -16.08
CA GLU A 713 -24.49 -32.25 -16.25
C GLU A 713 -23.69 -32.47 -14.99
N LEU A 714 -23.34 -31.39 -14.29
CA LEU A 714 -22.51 -31.52 -13.09
C LEU A 714 -23.34 -32.08 -11.96
N PHE A 715 -24.62 -31.79 -12.00
CA PHE A 715 -25.56 -32.31 -11.00
C PHE A 715 -26.55 -33.26 -11.69
N LYS A 716 -26.01 -34.11 -12.58
CA LYS A 716 -26.78 -35.00 -13.45
C LYS A 716 -27.70 -35.92 -12.67
N GLU A 717 -27.21 -36.46 -11.57
CA GLU A 717 -27.97 -37.38 -10.70
C GLU A 717 -29.18 -36.75 -10.01
N GLN A 718 -29.28 -35.42 -10.05
CA GLN A 718 -30.37 -34.73 -9.37
C GLN A 718 -31.07 -33.76 -10.30
N GLU A 719 -32.09 -33.10 -9.78
CA GLU A 719 -32.75 -32.03 -10.49
C GLU A 719 -32.14 -30.69 -10.11
N VAL A 720 -31.95 -29.83 -11.11
CA VAL A 720 -31.52 -28.46 -10.87
C VAL A 720 -32.64 -27.50 -11.24
N PRO A 721 -33.08 -26.65 -10.29
CA PRO A 721 -34.12 -25.69 -10.62
C PRO A 721 -33.63 -24.65 -11.61
N ASP A 722 -34.53 -24.18 -12.49
CA ASP A 722 -34.22 -23.06 -13.38
C ASP A 722 -33.85 -21.80 -12.58
N PRO A 723 -33.05 -20.89 -13.18
CA PRO A 723 -32.73 -19.69 -12.42
C PRO A 723 -33.87 -18.69 -12.51
N THR A 724 -34.08 -17.94 -11.44
CA THR A 724 -35.12 -16.91 -11.40
C THR A 724 -34.58 -15.56 -11.86
N LYS A 725 -33.26 -15.41 -11.77
CA LYS A 725 -32.60 -14.16 -12.10
C LYS A 725 -31.16 -14.43 -12.52
N TYR A 726 -30.71 -13.72 -13.54
CA TYR A 726 -29.31 -13.83 -13.93
C TYR A 726 -28.81 -12.53 -14.59
N PHE A 727 -27.50 -12.44 -14.76
CA PHE A 727 -26.93 -11.55 -15.74
C PHE A 727 -25.76 -12.25 -16.41
N VAL A 728 -25.45 -11.83 -17.63
CA VAL A 728 -24.23 -12.20 -18.35
C VAL A 728 -23.51 -10.91 -18.71
N THR A 729 -22.22 -10.80 -18.35
CA THR A 729 -21.48 -9.56 -18.61
C THR A 729 -20.99 -9.56 -20.03
N ARG A 730 -20.78 -8.36 -20.56
CA ARG A 730 -20.25 -8.17 -21.90
C ARG A 730 -19.22 -7.03 -21.87
N TRP A 731 -18.19 -7.24 -21.06
CA TRP A 731 -17.16 -6.25 -20.87
C TRP A 731 -16.47 -5.98 -22.16
N SER A 732 -16.30 -6.99 -23.00
CA SER A 732 -15.48 -6.78 -24.18
C SER A 732 -16.14 -5.85 -25.18
N THR A 733 -17.47 -5.79 -25.16
CA THR A 733 -18.17 -4.89 -26.10
C THR A 733 -18.70 -3.67 -25.35
N ASP A 734 -18.38 -3.55 -24.06
CA ASP A 734 -18.65 -2.30 -23.36
C ASP A 734 -17.67 -1.29 -23.98
N PRO A 735 -18.19 -0.26 -24.66
CA PRO A 735 -17.34 0.59 -25.51
C PRO A 735 -16.21 1.35 -24.78
N TRP A 736 -16.36 1.60 -23.48
CA TRP A 736 -15.38 2.41 -22.72
C TRP A 736 -14.48 1.59 -21.85
N ILE A 737 -14.60 0.27 -21.94
CA ILE A 737 -13.78 -0.65 -21.19
C ILE A 737 -13.14 -1.65 -22.16
N GLN A 738 -13.97 -2.46 -22.82
CA GLN A 738 -13.53 -3.43 -23.86
C GLN A 738 -12.50 -4.47 -23.39
N MET A 739 -12.47 -4.79 -22.10
CA MET A 739 -11.49 -5.75 -21.56
C MET A 739 -11.80 -6.06 -20.10
N ALA A 740 -11.03 -6.99 -19.53
CA ALA A 740 -11.08 -7.25 -18.09
C ALA A 740 -9.78 -6.80 -17.43
N TYR A 741 -8.66 -7.26 -17.97
CA TYR A 741 -7.35 -6.85 -17.47
C TYR A 741 -6.21 -7.19 -18.39
N SER A 742 -5.13 -6.43 -18.24
CA SER A 742 -3.99 -6.55 -19.12
C SER A 742 -3.17 -7.80 -18.81
N PHE A 743 -2.38 -8.19 -19.80
CA PHE A 743 -1.37 -9.22 -19.69
C PHE A 743 -0.29 -8.88 -20.74
N VAL A 744 0.86 -9.52 -20.62
CA VAL A 744 1.96 -9.29 -21.55
C VAL A 744 1.80 -10.22 -22.75
N LYS A 745 1.66 -9.64 -23.95
CA LYS A 745 1.63 -10.42 -25.19
C LYS A 745 3.02 -10.96 -25.49
N THR A 746 3.07 -12.04 -26.27
CA THR A 746 4.30 -12.57 -26.87
C THR A 746 5.17 -11.45 -27.42
N GLY A 747 6.47 -11.49 -27.10
CA GLY A 747 7.41 -10.44 -27.52
C GLY A 747 7.32 -9.16 -26.71
N GLY A 748 6.45 -9.15 -25.70
CA GLY A 748 6.33 -8.00 -24.81
C GLY A 748 7.22 -8.11 -23.59
N SER A 749 7.21 -7.07 -22.76
CA SER A 749 8.00 -7.03 -21.53
C SER A 749 7.18 -6.43 -20.41
N GLY A 750 7.48 -6.81 -19.17
CA GLY A 750 6.88 -6.14 -18.02
C GLY A 750 7.24 -4.66 -17.99
N GLU A 751 8.34 -4.31 -18.65
CA GLU A 751 8.76 -2.91 -18.72
C GLU A 751 7.69 -2.02 -19.38
N ALA A 752 6.91 -2.58 -20.28
CA ALA A 752 5.80 -1.86 -20.89
C ALA A 752 4.95 -1.15 -19.84
N TYR A 753 4.78 -1.77 -18.68
CA TYR A 753 4.00 -1.17 -17.58
C TYR A 753 4.59 0.09 -17.01
N ASP A 754 5.91 0.12 -16.88
CA ASP A 754 6.64 1.33 -16.45
C ASP A 754 6.58 2.43 -17.54
N ILE A 755 6.69 2.01 -18.79
CA ILE A 755 6.70 2.96 -19.91
C ILE A 755 5.37 3.68 -20.02
N ILE A 756 4.26 2.94 -19.89
CA ILE A 756 2.94 3.52 -19.91
C ILE A 756 2.77 4.49 -18.74
N ALA A 757 3.37 4.14 -17.60
CA ALA A 757 3.29 4.94 -16.39
C ALA A 757 4.09 6.24 -16.46
N GLU A 758 5.03 6.36 -17.40
CA GLU A 758 5.94 7.52 -17.43
C GLU A 758 5.18 8.77 -17.81
N ASP A 759 5.31 9.82 -17.00
CA ASP A 759 4.64 11.07 -17.31
C ASP A 759 5.28 11.73 -18.52
N ILE A 760 4.53 12.63 -19.15
CA ILE A 760 5.06 13.45 -20.24
C ILE A 760 5.16 14.88 -19.74
N GLN A 761 6.39 15.41 -19.79
CA GLN A 761 6.67 16.83 -19.57
C GLN A 761 6.13 17.32 -18.25
N GLY A 762 5.96 16.40 -17.30
CA GLY A 762 5.38 16.71 -16.00
C GLY A 762 3.97 17.26 -16.07
N THR A 763 3.29 17.08 -17.20
CA THR A 763 1.89 17.56 -17.31
C THR A 763 0.86 16.49 -17.68
N VAL A 764 1.29 15.44 -18.37
CA VAL A 764 0.40 14.31 -18.69
C VAL A 764 0.86 13.08 -17.93
N PHE A 765 -0.03 12.57 -17.09
CA PHE A 765 0.29 11.47 -16.20
C PHE A 765 -0.60 10.29 -16.51
N PHE A 766 -0.08 9.08 -16.30
CA PHE A 766 -0.87 7.85 -16.54
C PHE A 766 -1.02 6.97 -15.33
N ALA A 767 -2.23 6.50 -15.08
CA ALA A 767 -2.44 5.54 -14.01
C ALA A 767 -3.41 4.50 -14.52
N GLY A 768 -3.63 3.47 -13.73
CA GLY A 768 -4.47 2.37 -14.17
C GLY A 768 -3.73 1.08 -13.96
N GLU A 769 -4.52 0.02 -13.86
CA GLU A 769 -4.08 -1.37 -13.81
C GLU A 769 -2.91 -1.65 -14.78
N ALA A 770 -3.02 -1.17 -16.03
CA ALA A 770 -2.01 -1.41 -17.06
C ALA A 770 -0.76 -0.53 -16.93
N THR A 771 -0.66 0.22 -15.83
CA THR A 771 0.53 1.01 -15.56
C THR A 771 1.26 0.53 -14.31
N ASN A 772 0.77 -0.54 -13.70
CA ASN A 772 1.39 -0.97 -12.47
C ASN A 772 2.19 -2.23 -12.71
N ARG A 773 3.50 -2.06 -12.82
CA ARG A 773 4.36 -3.18 -13.18
C ARG A 773 4.43 -4.23 -12.08
N HIS A 774 4.45 -3.78 -10.83
CA HIS A 774 4.52 -4.66 -9.66
C HIS A 774 3.23 -5.40 -9.50
N PHE A 775 2.12 -4.69 -9.70
CA PHE A 775 0.79 -5.26 -9.42
C PHE A 775 -0.18 -5.00 -10.57
N PRO A 776 0.09 -5.63 -11.73
CA PRO A 776 -0.80 -5.46 -12.88
C PRO A 776 -2.17 -6.08 -12.61
N GLN A 777 -3.17 -5.71 -13.41
CA GLN A 777 -4.44 -6.46 -13.48
C GLN A 777 -5.46 -6.15 -12.42
N THR A 778 -5.03 -5.85 -11.19
CA THR A 778 -5.97 -5.79 -10.06
C THR A 778 -6.55 -4.39 -9.72
N VAL A 779 -7.65 -4.37 -8.97
CA VAL A 779 -8.19 -3.13 -8.37
C VAL A 779 -7.09 -2.54 -7.47
N THR A 780 -6.41 -3.40 -6.71
CA THR A 780 -5.29 -2.96 -5.88
C THR A 780 -4.19 -2.21 -6.65
N GLY A 781 -3.70 -2.82 -7.72
CA GLY A 781 -2.67 -2.21 -8.52
C GLY A 781 -3.18 -0.95 -9.15
N ALA A 782 -4.43 -0.97 -9.60
CA ALA A 782 -5.02 0.23 -10.20
C ALA A 782 -5.08 1.32 -9.12
N TYR A 783 -5.60 0.99 -7.95
CA TYR A 783 -5.67 1.94 -6.83
C TYR A 783 -4.30 2.57 -6.52
N LEU A 784 -3.28 1.72 -6.41
CA LEU A 784 -1.94 2.16 -6.03
C LEU A 784 -1.30 2.98 -7.13
N SER A 785 -1.64 2.71 -8.39
CA SER A 785 -1.14 3.52 -9.53
C SER A 785 -1.68 4.95 -9.40
N GLY A 786 -2.94 5.07 -9.01
CA GLY A 786 -3.54 6.40 -8.84
C GLY A 786 -2.92 7.18 -7.70
N VAL A 787 -2.71 6.51 -6.56
CA VAL A 787 -1.96 7.05 -5.44
C VAL A 787 -0.55 7.48 -5.88
N ARG A 788 0.12 6.60 -6.62
CA ARG A 788 1.44 6.89 -7.16
C ARG A 788 1.42 8.20 -7.94
N GLU A 789 0.47 8.35 -8.85
CA GLU A 789 0.42 9.55 -9.68
C GLU A 789 0.06 10.82 -8.93
N ALA A 790 -0.81 10.73 -7.93
CA ALA A 790 -1.14 11.87 -7.10
C ALA A 790 0.11 12.39 -6.37
N SER A 791 0.95 11.46 -5.92
CA SER A 791 2.21 11.81 -5.27
C SER A 791 3.15 12.52 -6.26
N LYS A 792 3.23 12.00 -7.47
CA LYS A 792 4.00 12.63 -8.54
C LYS A 792 3.46 14.03 -8.84
N ILE A 793 2.14 14.13 -9.04
CA ILE A 793 1.47 15.38 -9.33
C ILE A 793 1.60 16.42 -8.20
N ALA A 794 1.49 15.95 -6.95
CA ALA A 794 1.52 16.85 -5.80
C ALA A 794 2.92 17.40 -5.51
N ALA A 795 3.96 16.74 -6.01
CA ALA A 795 5.34 17.15 -5.73
C ALA A 795 5.67 18.52 -6.34
N PHE A 796 5.88 18.56 -7.65
CA PHE A 796 6.17 19.80 -8.36
C PHE A 796 5.80 19.68 -9.84
ZN ZN B . 29.14 22.47 22.72
ZN ZN C . 28.46 19.37 36.33
ZN ZN D . 2.53 29.47 27.46
PA FAD E . -11.15 0.95 -14.97
O1A FAD E . -11.76 0.27 -13.82
O2A FAD E . -11.38 0.22 -16.37
O5B FAD E . -11.71 2.47 -15.05
C5B FAD E . -11.31 3.33 -16.10
C4B FAD E . -12.47 4.28 -16.38
O4B FAD E . -12.05 4.97 -17.55
C3B FAD E . -13.73 3.51 -16.78
O3B FAD E . -14.82 3.88 -15.93
C2B FAD E . -13.98 3.98 -18.20
O2B FAD E . -15.38 4.21 -18.44
C1B FAD E . -13.26 5.30 -18.22
N9A FAD E . -12.93 5.75 -19.58
C8A FAD E . -12.54 5.03 -20.63
N7A FAD E . -12.34 5.84 -21.70
C5A FAD E . -12.61 7.09 -21.29
C6A FAD E . -12.60 8.35 -21.92
N6A FAD E . -12.25 8.50 -23.21
N1A FAD E . -12.94 9.43 -21.18
C2A FAD E . -13.31 9.33 -19.91
N3A FAD E . -13.32 8.15 -19.29
C4A FAD E . -12.99 7.03 -19.95
N1 FAD E . -9.51 -7.16 -10.23
C2 FAD E . -9.32 -7.56 -8.90
O2 FAD E . -8.56 -6.93 -8.19
N3 FAD E . -10.00 -8.66 -8.39
C4 FAD E . -10.89 -9.35 -9.23
O4 FAD E . -11.51 -10.32 -8.76
C4X FAD E . -11.06 -8.97 -10.56
N5 FAD E . -11.91 -9.65 -11.43
C5X FAD E . -12.35 -9.02 -12.59
C6 FAD E . -13.44 -9.54 -13.28
C7 FAD E . -13.90 -8.89 -14.41
C7M FAD E . -15.11 -9.49 -15.13
C8 FAD E . -13.28 -7.71 -14.86
C8M FAD E . -13.79 -6.97 -16.11
C9 FAD E . -12.19 -7.21 -14.18
C9A FAD E . -11.71 -7.87 -13.03
N10 FAD E . -10.60 -7.40 -12.32
C10 FAD E . -10.39 -7.86 -11.04
C1' FAD E . -9.77 -6.26 -12.84
C2' FAD E . -10.09 -4.91 -12.15
O2' FAD E . -11.49 -4.63 -12.19
C3' FAD E . -9.41 -3.80 -12.95
O3' FAD E . -8.01 -4.03 -12.92
C4' FAD E . -9.62 -2.42 -12.34
O4' FAD E . -11.01 -2.08 -12.34
C5' FAD E . -8.87 -1.43 -13.18
O5' FAD E . -9.09 -0.14 -12.65
P FAD E . -8.71 1.14 -13.53
O1P FAD E . -9.01 2.38 -12.74
O2P FAD E . -7.21 0.97 -13.98
O3P FAD E . -9.53 1.05 -14.91
CAC FLC F . 11.26 -6.38 -1.73
CA FLC F . 12.19 -5.49 -2.54
CB FLC F . 11.62 -5.10 -3.92
CBC FLC F . 10.13 -5.29 -4.24
CG FLC F . 12.53 -4.28 -4.86
CGC FLC F . 11.83 -3.38 -5.86
OA1 FLC F . 11.43 -7.61 -1.76
OA2 FLC F . 10.37 -5.85 -1.03
OB1 FLC F . 9.20 -4.57 -3.79
OB2 FLC F . 9.85 -6.24 -5.00
OG1 FLC F . 10.96 -2.58 -5.47
OG2 FLC F . 12.18 -3.44 -7.06
OHB FLC F . 11.35 -3.84 -3.24
#